data_5ZHP
#
_entry.id   5ZHP
#
_cell.length_a   122.110
_cell.length_b   53.050
_cell.length_c   124.720
_cell.angle_alpha   90.00
_cell.angle_beta   98.70
_cell.angle_gamma   90.00
#
_symmetry.space_group_name_H-M   'P 1 2 1'
#
loop_
_entity.id
_entity.type
_entity.pdbx_description
1 polymer 'Muscarinic acetylcholine receptor M3,Endolysin,Endolysin,Muscarinic acetylcholine receptor M3'
2 branched alpha-D-glucopyranose-(1-4)-alpha-D-glucopyranose
3 non-polymer 'TETRAETHYLENE GLYCOL'
4 non-polymer (1R,2R,4S,5S,7s)-7-({[4-fluoro-2-(thiophen-2-yl)phenyl]carbamoyl}oxy)-9,9-dimethyl-3-oxa-9-azatricyclo[3.3.1.0~2,4~]nonan-9-ium
5 non-polymer 'HEXAETHYLENE GLYCOL'
6 non-polymer 'CITRIC ACID'
#
_entity_poly.entity_id   1
_entity_poly.type   'polypeptide(L)'
_entity_poly.pdbx_seq_one_letter_code
;GDPLGGHTIWQVVFIAFLTGFLALVTIIGNILVIVAFKVNKQLKTVNNYFLLSLACADLIIGVISMNLFTTYIIMNRWAL
GNLACDLWLSIDYVASNARVMNLLVISFDRYFSITRPLTYRAKRTTKRAGVMIGLAWVISFVLWAPAILFWQYFVGKRTV
PPGECFIQFLSEPTITFGTAIAAFYMPVTIMTILYWRIYKETEKMNIFEMLRIDEGGGSGGDEAEKLFNQDVDAAVRGIL
RNAKLKPVYDSLDAVRRAALINMVFQMGETGVAGFTNSLRMLQQKRWDEAAVNLAKSRWYNQTPNRAKRVITTFRTGTWD
AYLIKEKKAAQTLSAILLAFIITWTPYNIMVLVNTFCDSCIPKTYWNLGYWLCYINSTVNPVCYALCNKTFRTTFKTLLL
CQCDKRKRRKHHHHHHHH
;
_entity_poly.pdbx_strand_id   A,B
#
# COMPACT_ATOMS: atom_id res chain seq x y z
N THR A 8 20.17 -22.06 16.63
CA THR A 8 21.08 -20.95 16.40
C THR A 8 20.33 -19.64 16.20
N ILE A 9 21.07 -18.55 16.07
CA ILE A 9 20.44 -17.24 15.88
C ILE A 9 19.69 -17.20 14.54
N TRP A 10 20.18 -17.92 13.53
CA TRP A 10 19.49 -17.97 12.26
C TRP A 10 18.11 -18.58 12.40
N GLN A 11 18.01 -19.69 13.15
CA GLN A 11 16.74 -20.38 13.28
C GLN A 11 15.71 -19.58 14.06
N VAL A 12 16.17 -18.72 14.98
CA VAL A 12 15.23 -17.93 15.77
C VAL A 12 14.69 -16.76 14.97
N VAL A 13 15.56 -16.06 14.22
CA VAL A 13 15.11 -14.91 13.44
C VAL A 13 14.26 -15.36 12.26
N PHE A 14 14.66 -16.45 11.59
CA PHE A 14 13.88 -16.95 10.47
C PHE A 14 12.46 -17.31 10.91
N ILE A 15 12.33 -18.12 11.96
CA ILE A 15 11.02 -18.48 12.47
C ILE A 15 10.25 -17.24 12.90
N ALA A 16 10.90 -16.35 13.64
CA ALA A 16 10.22 -15.18 14.17
C ALA A 16 9.66 -14.28 13.08
N PHE A 17 10.26 -14.30 11.89
CA PHE A 17 9.79 -13.44 10.82
C PHE A 17 8.50 -13.95 10.19
N LEU A 18 8.51 -15.17 9.66
CA LEU A 18 7.35 -15.66 8.93
C LEU A 18 6.14 -15.84 9.85
N THR A 19 6.36 -16.15 11.13
CA THR A 19 5.23 -16.22 12.05
C THR A 19 4.58 -14.85 12.23
N GLY A 20 5.41 -13.81 12.37
CA GLY A 20 4.87 -12.46 12.42
C GLY A 20 4.33 -12.00 11.08
N PHE A 21 5.03 -12.34 10.00
CA PHE A 21 4.53 -12.02 8.67
C PHE A 21 3.16 -12.64 8.44
N LEU A 22 3.00 -13.93 8.78
CA LEU A 22 1.70 -14.56 8.63
C LEU A 22 0.71 -14.04 9.66
N ALA A 23 1.17 -13.80 10.90
CA ALA A 23 0.30 -13.24 11.91
C ALA A 23 -0.21 -11.87 11.51
N LEU A 24 0.64 -11.07 10.85
CA LEU A 24 0.24 -9.73 10.44
C LEU A 24 -0.80 -9.80 9.33
N VAL A 25 -0.56 -10.63 8.32
CA VAL A 25 -1.54 -10.81 7.25
C VAL A 25 -2.89 -11.24 7.83
N THR A 26 -2.87 -12.22 8.74
CA THR A 26 -4.10 -12.71 9.33
C THR A 26 -4.86 -11.60 10.05
N ILE A 27 -4.16 -10.88 10.94
CA ILE A 27 -4.84 -9.85 11.72
C ILE A 27 -5.37 -8.75 10.81
N ILE A 28 -4.59 -8.37 9.79
CA ILE A 28 -5.04 -7.32 8.89
C ILE A 28 -6.25 -7.78 8.09
N GLY A 29 -6.20 -8.98 7.53
CA GLY A 29 -7.30 -9.44 6.69
C GLY A 29 -8.59 -9.60 7.47
N ASN A 30 -8.55 -10.35 8.57
CA ASN A 30 -9.76 -10.59 9.33
C ASN A 30 -10.28 -9.33 10.00
N ILE A 31 -9.41 -8.36 10.27
CA ILE A 31 -9.87 -7.10 10.86
C ILE A 31 -10.53 -6.22 9.80
N LEU A 32 -10.18 -6.39 8.53
CA LEU A 32 -10.83 -5.65 7.46
C LEU A 32 -12.21 -6.19 7.18
N VAL A 33 -12.35 -7.51 7.09
CA VAL A 33 -13.65 -8.11 6.74
C VAL A 33 -14.69 -7.75 7.80
N ILE A 34 -14.29 -7.70 9.07
CA ILE A 34 -15.24 -7.34 10.12
C ILE A 34 -15.68 -5.89 9.95
N VAL A 35 -14.76 -5.01 9.54
CA VAL A 35 -15.11 -3.63 9.28
C VAL A 35 -15.96 -3.52 8.02
N ALA A 36 -15.65 -4.33 7.01
CA ALA A 36 -16.43 -4.30 5.77
C ALA A 36 -17.91 -4.56 6.03
N PHE A 37 -18.22 -5.41 7.02
CA PHE A 37 -19.62 -5.68 7.32
C PHE A 37 -20.28 -4.52 8.05
N LYS A 38 -19.52 -3.81 8.89
CA LYS A 38 -20.08 -2.67 9.62
C LYS A 38 -20.03 -1.39 8.80
N VAL A 39 -19.10 -1.30 7.84
CA VAL A 39 -18.96 -0.06 7.06
C VAL A 39 -19.76 -0.07 5.78
N ASN A 40 -20.40 -1.18 5.43
CA ASN A 40 -21.14 -1.29 4.17
C ASN A 40 -22.55 -1.80 4.45
N LYS A 41 -23.54 -1.06 3.98
CA LYS A 41 -24.93 -1.47 4.11
C LYS A 41 -25.36 -2.47 3.05
N GLN A 42 -24.53 -2.69 2.02
CA GLN A 42 -24.84 -3.63 0.96
C GLN A 42 -24.24 -5.02 1.22
N LEU A 43 -23.39 -5.15 2.22
CA LEU A 43 -22.80 -6.44 2.58
C LEU A 43 -23.54 -7.13 3.71
N LYS A 44 -24.65 -6.56 4.17
CA LYS A 44 -25.38 -7.11 5.32
C LYS A 44 -26.40 -8.11 4.81
N THR A 45 -25.99 -9.38 4.72
CA THR A 45 -26.86 -10.48 4.35
C THR A 45 -26.74 -11.56 5.41
N VAL A 46 -27.63 -12.55 5.32
CA VAL A 46 -27.50 -13.71 6.20
C VAL A 46 -26.15 -14.39 5.97
N ASN A 47 -25.84 -14.69 4.72
CA ASN A 47 -24.57 -15.33 4.39
C ASN A 47 -23.40 -14.51 4.91
N ASN A 48 -23.45 -13.18 4.75
CA ASN A 48 -22.37 -12.35 5.25
C ASN A 48 -22.25 -12.43 6.76
N TYR A 49 -23.38 -12.53 7.47
CA TYR A 49 -23.31 -12.64 8.92
C TYR A 49 -22.48 -13.84 9.34
N PHE A 50 -22.71 -14.99 8.69
CA PHE A 50 -21.93 -16.18 9.02
C PHE A 50 -20.44 -15.93 8.83
N LEU A 51 -20.06 -15.49 7.62
CA LEU A 51 -18.66 -15.22 7.33
C LEU A 51 -18.05 -14.27 8.35
N LEU A 52 -18.85 -13.33 8.86
CA LEU A 52 -18.37 -12.46 9.94
C LEU A 52 -18.03 -13.28 11.18
N SER A 53 -18.75 -14.36 11.43
CA SER A 53 -18.45 -15.21 12.58
C SER A 53 -17.07 -15.87 12.43
N LEU A 54 -16.77 -16.38 11.23
CA LEU A 54 -15.47 -17.00 10.99
C LEU A 54 -14.34 -16.02 11.30
N ALA A 55 -14.46 -14.79 10.79
CA ALA A 55 -13.42 -13.79 11.02
C ALA A 55 -13.18 -13.59 12.52
N CYS A 56 -14.23 -13.69 13.34
CA CYS A 56 -14.06 -13.58 14.78
C CYS A 56 -13.12 -14.65 15.31
N ALA A 57 -13.45 -15.93 15.05
CA ALA A 57 -12.58 -17.02 15.47
C ALA A 57 -11.23 -16.93 14.78
N ASP A 58 -11.22 -16.57 13.49
CA ASP A 58 -9.96 -16.44 12.77
C ASP A 58 -9.09 -15.32 13.34
N LEU A 59 -9.71 -14.22 13.74
CA LEU A 59 -8.94 -13.12 14.33
C LEU A 59 -8.33 -13.53 15.66
N ILE A 60 -9.09 -14.25 16.49
CA ILE A 60 -8.54 -14.76 17.74
C ILE A 60 -7.29 -15.58 17.47
N ILE A 61 -7.33 -16.45 16.46
CA ILE A 61 -6.19 -17.31 16.14
C ILE A 61 -4.99 -16.48 15.73
N GLY A 62 -5.22 -15.44 14.93
CA GLY A 62 -4.11 -14.62 14.46
C GLY A 62 -3.50 -13.77 15.56
N VAL A 63 -4.28 -13.42 16.57
CA VAL A 63 -3.82 -12.53 17.64
C VAL A 63 -3.16 -13.31 18.76
N ILE A 64 -3.81 -14.36 19.25
CA ILE A 64 -3.38 -15.06 20.45
C ILE A 64 -2.62 -16.33 20.10
N SER A 65 -3.29 -17.25 19.39
CA SER A 65 -2.75 -18.59 19.20
C SER A 65 -1.41 -18.57 18.47
N MET A 66 -1.25 -17.66 17.52
CA MET A 66 -0.02 -17.65 16.72
C MET A 66 1.16 -17.13 17.54
N ASN A 67 0.97 -16.03 18.27
CA ASN A 67 2.07 -15.49 19.06
C ASN A 67 2.45 -16.41 20.21
N LEU A 68 1.46 -16.93 20.93
CA LEU A 68 1.75 -17.79 22.07
C LEU A 68 2.46 -19.07 21.64
N PHE A 69 1.85 -19.83 20.73
CA PHE A 69 2.48 -21.07 20.27
C PHE A 69 3.80 -20.81 19.57
N THR A 70 3.94 -19.65 18.92
CA THR A 70 5.22 -19.31 18.31
C THR A 70 6.30 -19.11 19.37
N THR A 71 5.90 -18.68 20.57
CA THR A 71 6.86 -18.58 21.67
C THR A 71 7.23 -19.95 22.21
N TYR A 72 6.24 -20.84 22.34
CA TYR A 72 6.52 -22.19 22.82
C TYR A 72 7.56 -22.89 21.94
N ILE A 73 7.42 -22.77 20.62
CA ILE A 73 8.34 -23.47 19.72
C ILE A 73 9.68 -22.75 19.64
N ILE A 74 9.69 -21.42 19.75
CA ILE A 74 10.95 -20.67 19.68
C ILE A 74 11.84 -21.04 20.86
N MET A 75 11.36 -20.82 22.08
CA MET A 75 12.14 -21.08 23.28
C MET A 75 12.35 -22.56 23.56
N ASN A 76 11.82 -23.44 22.73
CA ASN A 76 11.98 -24.88 22.91
C ASN A 76 11.39 -25.38 24.24
N ARG A 77 10.52 -24.59 24.85
CA ARG A 77 9.90 -24.95 26.12
C ARG A 77 8.84 -23.92 26.46
N TRP A 78 7.86 -24.33 27.25
CA TRP A 78 6.78 -23.44 27.69
C TRP A 78 7.14 -22.83 29.02
N ALA A 79 7.16 -21.50 29.08
CA ALA A 79 7.51 -20.78 30.30
C ALA A 79 6.49 -19.71 30.65
N LEU A 80 5.31 -19.74 30.05
CA LEU A 80 4.30 -18.72 30.27
C LEU A 80 3.51 -18.93 31.56
N GLY A 81 3.75 -20.01 32.28
CA GLY A 81 3.01 -20.30 33.50
C GLY A 81 1.96 -21.38 33.29
N ASN A 82 1.47 -21.91 34.40
CA ASN A 82 0.54 -23.03 34.35
C ASN A 82 -0.87 -22.59 33.94
N LEU A 83 -1.36 -21.49 34.51
CA LEU A 83 -2.71 -21.04 34.18
C LEU A 83 -2.79 -20.48 32.77
N ALA A 84 -1.69 -19.91 32.27
CA ALA A 84 -1.68 -19.43 30.89
C ALA A 84 -1.76 -20.58 29.91
N CYS A 85 -1.28 -21.77 30.29
CA CYS A 85 -1.34 -22.93 29.41
C CYS A 85 -2.78 -23.41 29.23
N ASP A 86 -3.55 -23.49 30.32
CA ASP A 86 -4.92 -23.96 30.22
C ASP A 86 -5.81 -22.98 29.47
N LEU A 87 -5.46 -21.68 29.50
CA LEU A 87 -6.23 -20.71 28.73
C LEU A 87 -5.93 -20.81 27.24
N TRP A 88 -4.66 -20.91 26.88
CA TRP A 88 -4.28 -21.00 25.48
C TRP A 88 -4.93 -22.20 24.81
N LEU A 89 -4.71 -23.40 25.36
CA LEU A 89 -5.26 -24.60 24.77
C LEU A 89 -6.78 -24.53 24.68
N SER A 90 -7.43 -24.08 25.76
CA SER A 90 -8.89 -24.01 25.76
C SER A 90 -9.39 -23.02 24.72
N ILE A 91 -8.91 -21.78 24.78
CA ILE A 91 -9.30 -20.79 23.79
C ILE A 91 -8.90 -21.25 22.39
N ASP A 92 -7.68 -21.78 22.25
CA ASP A 92 -7.23 -22.27 20.96
C ASP A 92 -8.18 -23.33 20.42
N TYR A 93 -8.61 -24.27 21.26
CA TYR A 93 -9.48 -25.35 20.79
C TYR A 93 -10.94 -24.93 20.71
N VAL A 94 -11.39 -24.04 21.59
CA VAL A 94 -12.76 -23.55 21.50
C VAL A 94 -12.95 -22.73 20.23
N ALA A 95 -11.98 -21.86 19.92
CA ALA A 95 -12.09 -21.04 18.72
C ALA A 95 -12.06 -21.88 17.46
N SER A 96 -11.04 -22.72 17.31
CA SER A 96 -10.93 -23.56 16.12
C SER A 96 -12.11 -24.50 15.98
N ASN A 97 -12.70 -24.94 17.09
CA ASN A 97 -13.88 -25.79 17.01
C ASN A 97 -15.09 -25.01 16.51
N ALA A 98 -15.24 -23.76 16.96
CA ALA A 98 -16.29 -22.91 16.42
C ALA A 98 -16.14 -22.73 14.92
N ARG A 99 -14.91 -22.76 14.41
CA ARG A 99 -14.71 -22.63 12.98
C ARG A 99 -15.32 -23.81 12.23
N VAL A 100 -15.15 -25.02 12.76
CA VAL A 100 -15.79 -26.18 12.14
C VAL A 100 -17.31 -26.09 12.28
N MET A 101 -17.79 -25.47 13.37
CA MET A 101 -19.22 -25.28 13.54
C MET A 101 -19.77 -24.28 12.54
N ASN A 102 -19.09 -23.14 12.38
CA ASN A 102 -19.55 -22.14 11.41
C ASN A 102 -19.60 -22.71 10.01
N LEU A 103 -18.60 -23.51 9.63
CA LEU A 103 -18.59 -24.09 8.29
C LEU A 103 -19.77 -25.04 8.09
N LEU A 104 -20.10 -25.84 9.10
CA LEU A 104 -21.25 -26.72 9.00
C LEU A 104 -22.54 -25.91 8.83
N VAL A 105 -22.64 -24.77 9.53
CA VAL A 105 -23.83 -23.93 9.42
C VAL A 105 -23.88 -23.27 8.05
N ILE A 106 -22.74 -22.76 7.58
CA ILE A 106 -22.70 -22.15 6.25
C ILE A 106 -23.09 -23.15 5.18
N SER A 107 -22.75 -24.43 5.37
CA SER A 107 -23.11 -25.45 4.40
C SER A 107 -24.61 -25.73 4.43
N PHE A 108 -25.15 -26.00 5.63
CA PHE A 108 -26.58 -26.23 5.75
C PHE A 108 -27.40 -24.98 5.49
N ASP A 109 -26.78 -23.80 5.46
CA ASP A 109 -27.49 -22.60 5.02
C ASP A 109 -27.78 -22.65 3.54
N ARG A 110 -26.74 -22.76 2.72
CA ARG A 110 -26.94 -22.88 1.27
C ARG A 110 -27.77 -24.12 0.95
N TYR A 111 -27.43 -25.26 1.54
CA TYR A 111 -28.15 -26.50 1.26
C TYR A 111 -29.62 -26.36 1.57
N PHE A 112 -29.95 -25.90 2.78
CA PHE A 112 -31.35 -25.69 3.15
C PHE A 112 -31.97 -24.54 2.37
N SER A 113 -31.16 -23.54 2.00
CA SER A 113 -31.67 -22.47 1.14
C SER A 113 -31.97 -22.99 -0.26
N ILE A 114 -31.24 -24.00 -0.73
CA ILE A 114 -31.47 -24.55 -2.06
C ILE A 114 -32.43 -25.72 -2.06
N THR A 115 -32.64 -26.38 -0.92
CA THR A 115 -33.51 -27.55 -0.85
C THR A 115 -34.79 -27.31 -0.08
N ARG A 116 -34.90 -26.22 0.66
CA ARG A 116 -36.07 -25.95 1.51
C ARG A 116 -36.63 -24.56 1.20
N PRO A 117 -37.11 -24.34 -0.03
CA PRO A 117 -37.81 -23.08 -0.31
C PRO A 117 -39.07 -22.90 0.52
N LEU A 118 -39.61 -23.98 1.08
CA LEU A 118 -40.85 -23.88 1.83
C LEU A 118 -40.65 -23.14 3.16
N THR A 119 -39.68 -23.58 3.95
CA THR A 119 -39.46 -23.01 5.28
C THR A 119 -38.16 -22.21 5.38
N TYR A 120 -37.02 -22.83 5.08
CA TYR A 120 -35.75 -22.14 5.32
C TYR A 120 -35.57 -20.98 4.35
N ARG A 121 -35.93 -21.17 3.08
CA ARG A 121 -35.79 -20.09 2.10
C ARG A 121 -36.50 -18.83 2.58
N ALA A 122 -37.66 -18.99 3.22
CA ALA A 122 -38.48 -17.87 3.66
C ALA A 122 -38.43 -17.66 5.17
N LYS A 123 -37.53 -18.33 5.88
CA LYS A 123 -37.39 -18.18 7.32
C LYS A 123 -36.05 -17.59 7.73
N ARG A 124 -35.28 -17.06 6.77
CA ARG A 124 -33.94 -16.53 7.06
C ARG A 124 -34.08 -15.12 7.62
N THR A 125 -33.72 -14.96 8.89
CA THR A 125 -33.74 -13.66 9.56
C THR A 125 -32.40 -13.42 10.22
N THR A 126 -31.83 -12.24 9.99
CA THR A 126 -30.56 -11.89 10.62
C THR A 126 -30.63 -11.97 12.14
N LYS A 127 -31.85 -11.99 12.71
CA LYS A 127 -31.98 -12.23 14.15
C LYS A 127 -31.90 -13.71 14.48
N ARG A 128 -32.49 -14.56 13.63
CA ARG A 128 -32.35 -16.00 13.83
C ARG A 128 -30.90 -16.44 13.69
N ALA A 129 -30.17 -15.84 12.73
CA ALA A 129 -28.76 -16.17 12.57
C ALA A 129 -28.01 -16.05 13.88
N GLY A 130 -28.17 -14.92 14.58
CA GLY A 130 -27.48 -14.73 15.85
C GLY A 130 -27.67 -15.91 16.79
N VAL A 131 -28.84 -16.53 16.76
CA VAL A 131 -29.07 -17.71 17.59
C VAL A 131 -28.12 -18.83 17.19
N MET A 132 -27.98 -19.06 15.88
CA MET A 132 -27.10 -20.13 15.41
C MET A 132 -25.66 -19.89 15.84
N ILE A 133 -25.12 -18.71 15.54
CA ILE A 133 -23.77 -18.39 15.98
C ILE A 133 -23.65 -18.52 17.49
N GLY A 134 -24.70 -18.10 18.20
CA GLY A 134 -24.69 -18.26 19.65
C GLY A 134 -24.57 -19.71 20.08
N LEU A 135 -25.34 -20.59 19.43
CA LEU A 135 -25.24 -22.01 19.74
C LEU A 135 -23.83 -22.53 19.50
N ALA A 136 -23.28 -22.27 18.30
CA ALA A 136 -21.98 -22.81 17.94
C ALA A 136 -20.92 -22.40 18.95
N TRP A 137 -20.85 -21.11 19.27
CA TRP A 137 -19.80 -20.64 20.18
C TRP A 137 -20.00 -21.21 21.58
N VAL A 138 -21.23 -21.17 22.10
CA VAL A 138 -21.49 -21.69 23.43
C VAL A 138 -21.24 -23.20 23.46
N ILE A 139 -21.67 -23.91 22.41
CA ILE A 139 -21.45 -25.35 22.36
C ILE A 139 -19.95 -25.66 22.33
N SER A 140 -19.23 -25.03 21.39
CA SER A 140 -17.79 -25.29 21.27
C SER A 140 -17.07 -24.98 22.56
N PHE A 141 -17.46 -23.91 23.25
CA PHE A 141 -16.85 -23.58 24.53
C PHE A 141 -17.04 -24.71 25.53
N VAL A 142 -18.28 -25.21 25.65
CA VAL A 142 -18.58 -26.22 26.65
C VAL A 142 -17.80 -27.50 26.38
N LEU A 143 -17.66 -27.88 25.11
CA LEU A 143 -17.05 -29.16 24.78
C LEU A 143 -15.58 -29.19 25.19
N TRP A 144 -14.85 -28.09 24.99
CA TRP A 144 -13.41 -28.07 25.21
C TRP A 144 -12.98 -27.30 26.45
N ALA A 145 -13.62 -26.17 26.74
CA ALA A 145 -13.21 -25.37 27.90
C ALA A 145 -13.24 -26.17 29.19
N PRO A 146 -14.40 -26.66 29.65
CA PRO A 146 -14.41 -27.43 30.90
C PRO A 146 -13.48 -28.64 30.86
N ALA A 147 -13.51 -29.40 29.77
CA ALA A 147 -12.68 -30.60 29.68
C ALA A 147 -11.20 -30.27 29.84
N ILE A 148 -10.72 -29.23 29.17
CA ILE A 148 -9.30 -28.89 29.22
C ILE A 148 -8.94 -28.31 30.58
N LEU A 149 -9.79 -27.45 31.13
CA LEU A 149 -9.44 -26.75 32.37
C LEU A 149 -9.46 -27.69 33.57
N PHE A 150 -10.56 -28.41 33.76
CA PHE A 150 -10.81 -29.12 35.02
C PHE A 150 -10.40 -30.58 35.00
N TRP A 151 -9.98 -31.12 33.86
CA TRP A 151 -9.66 -32.55 33.81
C TRP A 151 -8.59 -32.92 34.82
N GLN A 152 -7.58 -32.06 34.99
CA GLN A 152 -6.53 -32.34 35.96
C GLN A 152 -7.06 -32.44 37.39
N TYR A 153 -8.24 -31.88 37.65
CA TYR A 153 -8.80 -31.96 39.00
C TYR A 153 -9.55 -33.28 39.21
N PHE A 154 -10.31 -33.72 38.21
CA PHE A 154 -11.02 -34.99 38.34
C PHE A 154 -10.05 -36.14 38.59
N VAL A 155 -8.92 -36.15 37.88
CA VAL A 155 -7.91 -37.20 38.08
C VAL A 155 -6.98 -36.89 39.24
N GLY A 156 -7.01 -35.67 39.78
CA GLY A 156 -6.16 -35.32 40.89
C GLY A 156 -4.82 -34.74 40.48
N LYS A 157 -3.95 -35.58 39.92
CA LYS A 157 -2.63 -35.15 39.49
C LYS A 157 -2.68 -34.55 38.09
N ARG A 158 -1.59 -33.88 37.73
CA ARG A 158 -1.41 -33.30 36.40
C ARG A 158 -0.35 -34.10 35.65
N THR A 159 -0.73 -34.66 34.50
CA THR A 159 0.21 -35.44 33.70
C THR A 159 1.21 -34.54 32.96
N VAL A 160 0.89 -33.27 32.78
CA VAL A 160 1.70 -32.36 31.97
C VAL A 160 2.96 -31.98 32.73
N PRO A 161 4.15 -32.31 32.23
CA PRO A 161 5.37 -31.89 32.90
C PRO A 161 5.45 -30.38 32.96
N PRO A 162 6.12 -29.84 33.98
CA PRO A 162 6.31 -28.39 34.03
C PRO A 162 7.20 -27.92 32.90
N GLY A 163 6.88 -26.75 32.35
CA GLY A 163 7.55 -26.25 31.17
C GLY A 163 7.05 -26.81 29.86
N GLU A 164 6.03 -27.67 29.90
CA GLU A 164 5.39 -28.21 28.71
C GLU A 164 3.90 -27.96 28.80
N CYS A 165 3.28 -27.73 27.64
CA CYS A 165 1.86 -27.38 27.58
C CYS A 165 1.20 -28.22 26.49
N PHE A 166 0.31 -29.13 26.91
CA PHE A 166 -0.51 -29.90 26.00
C PHE A 166 -1.72 -30.42 26.75
N ILE A 167 -2.74 -30.82 26.00
CA ILE A 167 -3.98 -31.28 26.61
C ILE A 167 -3.75 -32.62 27.30
N GLN A 168 -4.23 -32.74 28.54
CA GLN A 168 -3.93 -33.92 29.35
C GLN A 168 -4.71 -35.13 28.85
N PHE A 169 -6.04 -35.04 28.85
CA PHE A 169 -6.86 -36.20 28.49
C PHE A 169 -6.61 -36.67 27.07
N LEU A 170 -5.99 -35.83 26.23
CA LEU A 170 -5.64 -36.21 24.86
C LEU A 170 -4.29 -36.90 24.78
N SER A 171 -3.65 -37.18 25.92
CA SER A 171 -2.33 -37.81 25.90
C SER A 171 -2.37 -39.18 25.25
N GLU A 172 -3.48 -39.90 25.39
CA GLU A 172 -3.57 -41.24 24.82
C GLU A 172 -3.89 -41.15 23.32
N PRO A 173 -3.11 -41.81 22.47
CA PRO A 173 -3.34 -41.67 21.03
C PRO A 173 -4.68 -42.23 20.57
N THR A 174 -5.11 -43.37 21.12
CA THR A 174 -6.39 -43.94 20.72
C THR A 174 -7.53 -42.97 21.01
N ILE A 175 -7.49 -42.30 22.15
CA ILE A 175 -8.53 -41.34 22.49
C ILE A 175 -8.52 -40.15 21.53
N THR A 176 -7.34 -39.74 21.07
CA THR A 176 -7.25 -38.63 20.13
C THR A 176 -7.83 -39.01 18.78
N PHE A 177 -7.56 -40.22 18.30
CA PHE A 177 -8.05 -40.64 16.99
C PHE A 177 -9.58 -40.55 16.93
N GLY A 178 -10.25 -41.04 17.98
CA GLY A 178 -11.70 -40.92 18.02
C GLY A 178 -12.17 -39.49 18.11
N THR A 179 -11.36 -38.61 18.70
CA THR A 179 -11.75 -37.20 18.81
C THR A 179 -11.58 -36.48 17.48
N ALA A 180 -10.49 -36.76 16.75
CA ALA A 180 -10.33 -36.15 15.43
C ALA A 180 -11.39 -36.64 14.46
N ILE A 181 -11.86 -37.88 14.63
CA ILE A 181 -12.91 -38.40 13.75
C ILE A 181 -14.19 -37.58 13.91
N ALA A 182 -14.63 -37.39 15.15
CA ALA A 182 -15.86 -36.65 15.39
C ALA A 182 -15.67 -35.15 15.17
N ALA A 183 -14.47 -34.63 15.44
CA ALA A 183 -14.27 -33.18 15.38
C ALA A 183 -13.95 -32.71 13.97
N PHE A 184 -13.21 -33.51 13.20
CA PHE A 184 -12.78 -33.09 11.87
C PHE A 184 -13.32 -33.95 10.75
N TYR A 185 -13.10 -35.28 10.82
CA TYR A 185 -13.46 -36.14 9.70
C TYR A 185 -14.96 -36.10 9.42
N MET A 186 -15.78 -36.36 10.45
CA MET A 186 -17.22 -36.34 10.26
C MET A 186 -17.72 -35.00 9.73
N PRO A 187 -17.38 -33.87 10.34
CA PRO A 187 -17.78 -32.58 9.73
C PRO A 187 -17.31 -32.42 8.29
N VAL A 188 -16.08 -32.85 7.99
CA VAL A 188 -15.60 -32.77 6.61
C VAL A 188 -16.45 -33.63 5.70
N THR A 189 -16.78 -34.84 6.14
CA THR A 189 -17.60 -35.73 5.33
C THR A 189 -18.95 -35.10 5.01
N ILE A 190 -19.61 -34.53 6.03
CA ILE A 190 -20.93 -33.93 5.81
C ILE A 190 -20.82 -32.74 4.85
N MET A 191 -19.88 -31.83 5.12
CA MET A 191 -19.73 -30.67 4.26
C MET A 191 -19.42 -31.06 2.82
N THR A 192 -18.69 -32.15 2.61
CA THR A 192 -18.46 -32.64 1.26
C THR A 192 -19.76 -33.11 0.62
N ILE A 193 -20.60 -33.81 1.39
CA ILE A 193 -21.87 -34.29 0.85
C ILE A 193 -22.74 -33.12 0.43
N LEU A 194 -22.89 -32.12 1.30
CA LEU A 194 -23.76 -31.00 1.00
C LEU A 194 -23.26 -30.22 -0.20
N TYR A 195 -21.94 -30.08 -0.35
CA TYR A 195 -21.41 -29.27 -1.45
C TYR A 195 -21.80 -29.86 -2.79
N TRP A 196 -21.33 -31.08 -3.09
CA TRP A 196 -21.58 -31.66 -4.39
C TRP A 196 -23.07 -31.71 -4.72
N ARG A 197 -23.94 -31.74 -3.71
CA ARG A 197 -25.37 -31.62 -3.97
C ARG A 197 -25.73 -30.18 -4.36
N ILE A 198 -25.22 -29.21 -3.62
CA ILE A 198 -25.42 -27.81 -4.00
C ILE A 198 -24.82 -27.52 -5.36
N TYR A 199 -23.70 -28.17 -5.69
CA TYR A 199 -23.06 -27.95 -6.98
C TYR A 199 -23.96 -28.38 -8.13
N LYS A 200 -24.53 -29.59 -8.03
CA LYS A 200 -25.44 -30.06 -9.07
C LYS A 200 -26.68 -29.17 -9.17
N GLU A 201 -27.10 -28.58 -8.05
CA GLU A 201 -28.27 -27.69 -8.07
C GLU A 201 -28.02 -26.44 -8.88
N THR A 202 -26.76 -26.01 -9.02
CA THR A 202 -26.45 -24.74 -9.66
C THR A 202 -26.67 -24.76 -11.16
N GLU A 203 -26.90 -25.93 -11.76
CA GLU A 203 -27.08 -26.04 -13.20
C GLU A 203 -28.54 -26.15 -13.62
N LYS A 204 -29.47 -26.19 -12.66
CA LYS A 204 -30.88 -26.42 -12.95
C LYS A 204 -31.63 -25.09 -13.04
N MET A 205 -32.53 -24.99 -14.01
CA MET A 205 -33.37 -23.82 -14.19
C MET A 205 -34.44 -24.12 -15.23
N ASN A 206 -35.64 -23.60 -14.99
CA ASN A 206 -36.77 -23.79 -15.89
C ASN A 206 -37.53 -22.47 -15.99
N ILE A 207 -38.75 -22.52 -16.53
CA ILE A 207 -39.53 -21.31 -16.71
C ILE A 207 -40.21 -20.88 -15.40
N PHE A 208 -40.60 -21.85 -14.56
CA PHE A 208 -41.25 -21.51 -13.30
C PHE A 208 -40.31 -20.74 -12.38
N GLU A 209 -39.08 -21.24 -12.21
CA GLU A 209 -38.10 -20.50 -11.42
C GLU A 209 -37.69 -19.21 -12.12
N MET A 210 -37.74 -19.18 -13.45
CA MET A 210 -37.49 -17.94 -14.18
C MET A 210 -38.55 -16.88 -13.84
N LEU A 211 -39.82 -17.28 -13.87
CA LEU A 211 -40.90 -16.36 -13.51
C LEU A 211 -40.84 -16.03 -12.02
N ARG A 212 -40.49 -17.00 -11.18
CA ARG A 212 -40.35 -16.75 -9.76
C ARG A 212 -39.32 -15.64 -9.50
N ILE A 213 -38.16 -15.74 -10.16
CA ILE A 213 -37.10 -14.76 -9.95
C ILE A 213 -37.53 -13.39 -10.48
N ASP A 214 -38.05 -13.35 -11.71
CA ASP A 214 -38.48 -12.08 -12.28
C ASP A 214 -39.55 -11.42 -11.42
N GLU A 215 -40.48 -12.21 -10.90
CA GLU A 215 -41.53 -11.69 -10.03
C GLU A 215 -41.05 -11.39 -8.62
N GLY A 216 -39.86 -11.86 -8.25
CA GLY A 216 -39.38 -11.68 -6.89
C GLY A 216 -40.30 -12.25 -5.84
N GLY A 217 -40.89 -13.42 -6.12
CA GLY A 217 -41.85 -14.02 -5.22
C GLY A 217 -41.44 -15.36 -4.67
N GLY A 218 -42.42 -16.17 -4.28
CA GLY A 218 -42.15 -17.47 -3.69
C GLY A 218 -43.34 -18.38 -3.81
N SER A 219 -43.23 -19.54 -3.17
CA SER A 219 -44.26 -20.56 -3.25
C SER A 219 -45.45 -20.22 -2.36
N GLY A 220 -46.52 -20.96 -2.52
CA GLY A 220 -47.72 -20.80 -1.74
C GLY A 220 -48.37 -22.11 -1.38
N GLY A 221 -47.57 -23.18 -1.34
CA GLY A 221 -48.09 -24.50 -1.03
C GLY A 221 -48.44 -25.28 -2.28
N ASP A 222 -49.14 -26.40 -2.06
CA ASP A 222 -49.52 -27.26 -3.17
C ASP A 222 -50.61 -26.61 -4.02
N GLU A 223 -51.73 -26.24 -3.40
CA GLU A 223 -52.81 -25.62 -4.14
C GLU A 223 -52.32 -24.41 -4.93
N ALA A 224 -51.42 -23.62 -4.34
CA ALA A 224 -50.91 -22.44 -5.02
C ALA A 224 -50.03 -22.83 -6.21
N GLU A 225 -49.17 -23.84 -6.04
CA GLU A 225 -48.27 -24.23 -7.13
C GLU A 225 -49.02 -24.86 -8.29
N LYS A 226 -50.17 -25.49 -8.02
CA LYS A 226 -50.97 -26.04 -9.12
C LYS A 226 -51.57 -24.94 -9.97
N LEU A 227 -51.92 -23.79 -9.37
CA LEU A 227 -52.44 -22.67 -10.15
C LEU A 227 -51.37 -22.05 -11.03
N PHE A 228 -50.17 -21.87 -10.49
CA PHE A 228 -49.05 -21.38 -11.30
C PHE A 228 -48.88 -22.23 -12.55
N ASN A 229 -49.06 -23.55 -12.41
CA ASN A 229 -48.91 -24.43 -13.57
C ASN A 229 -50.03 -24.20 -14.58
N GLN A 230 -51.27 -24.01 -14.10
CA GLN A 230 -52.37 -23.72 -15.00
C GLN A 230 -52.11 -22.45 -15.80
N ASP A 231 -51.66 -21.40 -15.13
CA ASP A 231 -51.48 -20.11 -15.80
C ASP A 231 -50.36 -20.17 -16.83
N VAL A 232 -49.25 -20.84 -16.51
CA VAL A 232 -48.16 -20.94 -17.47
C VAL A 232 -48.54 -21.87 -18.61
N ASP A 233 -49.37 -22.88 -18.34
CA ASP A 233 -49.85 -23.75 -19.42
C ASP A 233 -50.77 -22.99 -20.37
N ALA A 234 -51.76 -22.28 -19.82
CA ALA A 234 -52.63 -21.47 -20.66
C ALA A 234 -51.84 -20.44 -21.46
N ALA A 235 -50.75 -19.93 -20.90
CA ALA A 235 -49.91 -18.99 -21.64
C ALA A 235 -49.39 -19.60 -22.92
N VAL A 236 -49.06 -20.89 -22.90
CA VAL A 236 -48.55 -21.55 -24.09
C VAL A 236 -49.64 -21.64 -25.16
N ARG A 237 -50.84 -22.07 -24.76
CA ARG A 237 -51.94 -22.16 -25.72
C ARG A 237 -52.17 -20.84 -26.42
N GLY A 238 -52.19 -19.74 -25.67
CA GLY A 238 -52.36 -18.43 -26.28
C GLY A 238 -51.34 -18.16 -27.36
N ILE A 239 -50.09 -18.57 -27.14
CA ILE A 239 -49.05 -18.39 -28.15
C ILE A 239 -49.35 -19.24 -29.37
N LEU A 240 -49.83 -20.46 -29.15
CA LEU A 240 -50.12 -21.36 -30.27
C LEU A 240 -51.36 -20.92 -31.03
N ARG A 241 -52.40 -20.49 -30.31
CA ARG A 241 -53.60 -19.99 -30.97
C ARG A 241 -53.32 -18.70 -31.71
N ASN A 242 -52.39 -17.88 -31.21
CA ASN A 242 -52.06 -16.61 -31.86
C ASN A 242 -51.26 -16.88 -33.13
N ALA A 243 -51.80 -16.47 -34.27
CA ALA A 243 -51.11 -16.67 -35.54
C ALA A 243 -49.90 -15.77 -35.70
N LYS A 244 -49.77 -14.73 -34.88
CA LYS A 244 -48.65 -13.81 -34.96
C LYS A 244 -47.50 -14.21 -34.05
N LEU A 245 -47.68 -15.18 -33.17
CA LEU A 245 -46.63 -15.63 -32.26
C LEU A 245 -46.21 -17.07 -32.49
N LYS A 246 -47.16 -17.96 -32.78
CA LYS A 246 -46.82 -19.36 -33.00
C LYS A 246 -45.63 -19.57 -33.92
N PRO A 247 -45.52 -18.88 -35.06
CA PRO A 247 -44.31 -19.04 -35.89
C PRO A 247 -43.02 -18.84 -35.12
N VAL A 248 -42.91 -17.74 -34.37
CA VAL A 248 -41.68 -17.47 -33.63
C VAL A 248 -41.45 -18.53 -32.56
N TYR A 249 -42.50 -18.89 -31.84
CA TYR A 249 -42.35 -19.87 -30.76
C TYR A 249 -41.87 -21.21 -31.30
N ASP A 250 -42.47 -21.68 -32.40
CA ASP A 250 -42.09 -22.96 -32.96
C ASP A 250 -40.65 -22.98 -33.48
N SER A 251 -40.07 -21.81 -33.74
CA SER A 251 -38.71 -21.73 -34.26
C SER A 251 -37.71 -21.30 -33.20
N LEU A 252 -37.98 -21.61 -31.94
CA LEU A 252 -37.11 -21.25 -30.83
C LEU A 252 -36.76 -22.50 -30.03
N ASP A 253 -35.65 -22.42 -29.30
CA ASP A 253 -35.20 -23.51 -28.46
C ASP A 253 -35.86 -23.44 -27.08
N ALA A 254 -35.68 -24.50 -26.31
CA ALA A 254 -36.37 -24.62 -25.03
C ALA A 254 -36.09 -23.41 -24.13
N VAL A 255 -34.86 -22.90 -24.14
CA VAL A 255 -34.52 -21.77 -23.30
C VAL A 255 -35.17 -20.50 -23.82
N ARG A 256 -34.98 -20.20 -25.10
CA ARG A 256 -35.54 -18.98 -25.68
C ARG A 256 -37.07 -19.03 -25.73
N ARG A 257 -37.67 -20.23 -25.74
CA ARG A 257 -39.12 -20.31 -25.61
C ARG A 257 -39.57 -19.82 -24.25
N ALA A 258 -38.85 -20.21 -23.19
CA ALA A 258 -39.17 -19.72 -21.86
C ALA A 258 -39.11 -18.20 -21.80
N ALA A 259 -38.16 -17.60 -22.51
CA ALA A 259 -38.08 -16.15 -22.56
C ALA A 259 -39.33 -15.56 -23.21
N LEU A 260 -39.86 -16.23 -24.25
CA LEU A 260 -41.08 -15.75 -24.88
C LEU A 260 -42.27 -15.87 -23.93
N ILE A 261 -42.41 -17.02 -23.27
CA ILE A 261 -43.47 -17.19 -22.28
C ILE A 261 -43.32 -16.16 -21.16
N ASN A 262 -42.08 -15.74 -20.89
CA ASN A 262 -41.86 -14.73 -19.86
C ASN A 262 -42.47 -13.39 -20.25
N MET A 263 -42.53 -13.09 -21.55
CA MET A 263 -43.12 -11.83 -22.01
C MET A 263 -44.64 -11.92 -22.09
N VAL A 264 -45.15 -12.98 -22.70
CA VAL A 264 -46.60 -13.16 -22.78
C VAL A 264 -47.20 -13.22 -21.38
N PHE A 265 -46.42 -13.65 -20.39
CA PHE A 265 -46.92 -13.69 -19.02
C PHE A 265 -47.01 -12.29 -18.43
N GLN A 266 -46.13 -11.39 -18.83
CA GLN A 266 -46.09 -10.05 -18.29
C GLN A 266 -46.94 -9.05 -19.07
N MET A 267 -47.08 -9.25 -20.39
CA MET A 267 -47.74 -8.27 -21.24
C MET A 267 -48.93 -8.82 -22.02
N GLY A 268 -49.15 -10.12 -22.01
CA GLY A 268 -50.26 -10.70 -22.75
C GLY A 268 -49.91 -11.00 -24.20
N GLU A 269 -50.73 -11.86 -24.80
CA GLU A 269 -50.46 -12.31 -26.17
C GLU A 269 -50.45 -11.13 -27.13
N THR A 270 -51.44 -10.25 -27.03
CA THR A 270 -51.52 -9.13 -27.96
C THR A 270 -50.37 -8.15 -27.76
N GLY A 271 -50.00 -7.90 -26.51
CA GLY A 271 -48.90 -6.98 -26.25
C GLY A 271 -47.60 -7.44 -26.87
N VAL A 272 -47.27 -8.73 -26.71
CA VAL A 272 -46.02 -9.26 -27.26
C VAL A 272 -46.08 -9.32 -28.78
N ALA A 273 -47.26 -9.63 -29.33
CA ALA A 273 -47.43 -9.66 -30.78
C ALA A 273 -47.12 -8.31 -31.44
N GLY A 274 -47.06 -7.23 -30.66
CA GLY A 274 -46.72 -5.93 -31.22
C GLY A 274 -45.27 -5.79 -31.60
N PHE A 275 -44.38 -6.58 -31.01
CA PHE A 275 -42.96 -6.55 -31.36
C PHE A 275 -42.74 -7.23 -32.70
N THR A 276 -43.26 -6.62 -33.77
CA THR A 276 -43.22 -7.26 -35.08
C THR A 276 -41.79 -7.43 -35.58
N ASN A 277 -41.01 -6.35 -35.58
CA ASN A 277 -39.63 -6.45 -36.01
C ASN A 277 -38.84 -7.41 -35.11
N SER A 278 -38.92 -7.20 -33.79
CA SER A 278 -38.18 -8.06 -32.87
C SER A 278 -38.64 -9.51 -32.98
N LEU A 279 -39.94 -9.74 -33.09
CA LEU A 279 -40.44 -11.11 -33.26
C LEU A 279 -39.98 -11.73 -34.56
N ARG A 280 -39.58 -10.91 -35.55
CA ARG A 280 -39.07 -11.45 -36.80
C ARG A 280 -37.60 -11.80 -36.68
N MET A 281 -36.78 -10.85 -36.22
CA MET A 281 -35.36 -11.12 -36.03
C MET A 281 -35.13 -12.37 -35.19
N LEU A 282 -36.01 -12.63 -34.21
CA LEU A 282 -35.88 -13.86 -33.44
C LEU A 282 -36.09 -15.09 -34.32
N GLN A 283 -37.08 -15.03 -35.21
CA GLN A 283 -37.30 -16.16 -36.12
C GLN A 283 -36.18 -16.27 -37.13
N GLN A 284 -35.55 -15.15 -37.50
CA GLN A 284 -34.35 -15.16 -38.32
C GLN A 284 -33.09 -15.48 -37.52
N LYS A 285 -33.24 -15.74 -36.22
CA LYS A 285 -32.11 -16.10 -35.36
C LYS A 285 -30.99 -15.06 -35.43
N ARG A 286 -31.38 -13.80 -35.61
CA ARG A 286 -30.43 -12.67 -35.54
C ARG A 286 -30.43 -12.12 -34.11
N TRP A 287 -29.90 -12.93 -33.20
CA TRP A 287 -30.06 -12.68 -31.77
C TRP A 287 -29.62 -11.27 -31.39
N ASP A 288 -28.37 -10.93 -31.66
CA ASP A 288 -27.87 -9.62 -31.28
C ASP A 288 -28.69 -8.50 -31.90
N GLU A 289 -29.15 -8.71 -33.13
CA GLU A 289 -29.97 -7.69 -33.79
C GLU A 289 -31.32 -7.55 -33.10
N ALA A 290 -31.96 -8.67 -32.76
CA ALA A 290 -33.22 -8.61 -32.05
C ALA A 290 -33.05 -8.05 -30.64
N ALA A 291 -31.93 -8.36 -29.99
CA ALA A 291 -31.69 -7.84 -28.65
C ALA A 291 -31.59 -6.32 -28.67
N VAL A 292 -30.87 -5.77 -29.65
CA VAL A 292 -30.75 -4.32 -29.74
C VAL A 292 -32.10 -3.66 -29.97
N ASN A 293 -32.99 -4.35 -30.69
CA ASN A 293 -34.29 -3.77 -31.00
C ASN A 293 -35.20 -3.76 -29.77
N LEU A 294 -35.31 -4.91 -29.09
CA LEU A 294 -36.11 -4.96 -27.88
C LEU A 294 -35.63 -3.99 -26.82
N ALA A 295 -34.35 -3.59 -26.86
CA ALA A 295 -33.81 -2.67 -25.88
C ALA A 295 -34.37 -1.26 -26.04
N LYS A 296 -34.84 -0.89 -27.23
CA LYS A 296 -35.34 0.45 -27.50
C LYS A 296 -36.83 0.58 -27.26
N SER A 297 -37.52 -0.47 -26.82
CA SER A 297 -38.96 -0.44 -26.64
C SER A 297 -39.33 0.11 -25.26
N ARG A 298 -40.60 0.47 -25.12
CA ARG A 298 -41.11 0.91 -23.82
C ARG A 298 -41.01 -0.21 -22.79
N TRP A 299 -41.25 -1.45 -23.21
CA TRP A 299 -41.15 -2.58 -22.30
C TRP A 299 -39.81 -2.62 -21.57
N TYR A 300 -38.75 -2.14 -22.21
CA TYR A 300 -37.45 -2.08 -21.56
C TYR A 300 -37.32 -0.90 -20.62
N ASN A 301 -38.08 0.17 -20.86
CA ASN A 301 -38.06 1.33 -19.98
C ASN A 301 -38.98 1.21 -18.77
N GLN A 302 -40.00 0.36 -18.85
CA GLN A 302 -40.90 0.17 -17.72
C GLN A 302 -40.45 -0.93 -16.78
N THR A 303 -39.57 -1.83 -17.23
CA THR A 303 -39.07 -2.92 -16.39
C THR A 303 -37.68 -3.32 -16.88
N PRO A 304 -36.71 -2.40 -16.77
CA PRO A 304 -35.37 -2.69 -17.33
C PRO A 304 -34.67 -3.87 -16.67
N ASN A 305 -34.94 -4.16 -15.40
CA ASN A 305 -34.32 -5.31 -14.76
C ASN A 305 -34.84 -6.61 -15.37
N ARG A 306 -36.16 -6.78 -15.37
CA ARG A 306 -36.74 -8.01 -15.92
C ARG A 306 -36.44 -8.13 -17.41
N ALA A 307 -36.50 -7.02 -18.15
CA ALA A 307 -36.22 -7.06 -19.58
C ALA A 307 -34.77 -7.45 -19.84
N LYS A 308 -33.83 -6.77 -19.17
CA LYS A 308 -32.42 -7.05 -19.38
C LYS A 308 -32.11 -8.54 -19.25
N ARG A 309 -32.76 -9.20 -18.29
CA ARG A 309 -32.54 -10.65 -18.12
C ARG A 309 -33.18 -11.43 -19.26
N VAL A 310 -34.45 -11.14 -19.56
CA VAL A 310 -35.12 -11.83 -20.66
C VAL A 310 -34.41 -11.56 -21.98
N ILE A 311 -33.97 -10.32 -22.19
CA ILE A 311 -33.24 -10.00 -23.41
C ILE A 311 -31.90 -10.74 -23.45
N THR A 312 -31.21 -10.81 -22.31
CA THR A 312 -29.97 -11.58 -22.26
C THR A 312 -30.23 -13.04 -22.62
N THR A 313 -31.35 -13.60 -22.16
CA THR A 313 -31.69 -14.98 -22.51
C THR A 313 -31.82 -15.14 -24.02
N PHE A 314 -32.52 -14.22 -24.68
CA PHE A 314 -32.65 -14.28 -26.13
C PHE A 314 -31.28 -14.23 -26.81
N ARG A 315 -30.38 -13.39 -26.31
CA ARG A 315 -29.07 -13.25 -26.94
C ARG A 315 -28.22 -14.51 -26.75
N THR A 316 -28.05 -14.95 -25.51
CA THR A 316 -27.17 -16.08 -25.22
C THR A 316 -27.88 -17.42 -25.26
N GLY A 317 -29.20 -17.44 -25.16
CA GLY A 317 -29.92 -18.70 -25.16
C GLY A 317 -29.61 -19.59 -23.98
N THR A 318 -29.14 -19.02 -22.88
CA THR A 318 -28.78 -19.78 -21.68
C THR A 318 -29.41 -19.13 -20.46
N TRP A 319 -29.28 -19.82 -19.32
CA TRP A 319 -29.81 -19.34 -18.06
C TRP A 319 -28.82 -18.47 -17.29
N ASP A 320 -27.84 -17.87 -17.97
CA ASP A 320 -26.79 -17.13 -17.27
C ASP A 320 -27.37 -15.98 -16.45
N ALA A 321 -28.30 -15.22 -17.04
CA ALA A 321 -28.89 -14.09 -16.32
C ALA A 321 -29.71 -14.55 -15.12
N TYR A 322 -30.06 -15.82 -15.04
CA TYR A 322 -30.89 -16.35 -13.97
C TYR A 322 -30.15 -17.33 -13.06
N LEU A 323 -28.83 -17.48 -13.24
CA LEU A 323 -28.04 -18.39 -12.41
C LEU A 323 -26.73 -17.80 -11.92
N ILE A 324 -26.34 -16.61 -12.37
CA ILE A 324 -25.04 -16.06 -12.01
C ILE A 324 -24.93 -15.91 -10.50
N LYS A 325 -26.02 -15.53 -9.83
CA LYS A 325 -25.99 -15.33 -8.39
C LYS A 325 -25.68 -16.64 -7.66
N GLU A 326 -26.37 -17.72 -8.05
CA GLU A 326 -26.15 -19.00 -7.40
C GLU A 326 -24.72 -19.49 -7.60
N LYS A 327 -24.20 -19.37 -8.83
CA LYS A 327 -22.84 -19.85 -9.09
C LYS A 327 -21.82 -19.06 -8.30
N LYS A 328 -22.02 -17.74 -8.16
CA LYS A 328 -21.08 -16.93 -7.40
C LYS A 328 -20.91 -17.46 -5.98
N ALA A 329 -22.03 -17.76 -5.32
CA ALA A 329 -21.95 -18.34 -3.98
C ALA A 329 -21.30 -19.72 -4.00
N ALA A 330 -21.67 -20.56 -4.97
CA ALA A 330 -21.09 -21.89 -5.07
C ALA A 330 -19.58 -21.82 -5.16
N GLN A 331 -19.05 -20.93 -6.00
CA GLN A 331 -17.61 -20.77 -6.10
C GLN A 331 -17.01 -20.31 -4.77
N THR A 332 -17.67 -19.38 -4.09
CA THR A 332 -17.18 -18.91 -2.81
C THR A 332 -17.11 -20.06 -1.80
N LEU A 333 -18.18 -20.85 -1.70
CA LEU A 333 -18.20 -21.97 -0.78
C LEU A 333 -17.09 -22.97 -1.11
N SER A 334 -16.88 -23.24 -2.41
CA SER A 334 -15.84 -24.17 -2.81
C SER A 334 -14.47 -23.73 -2.29
N ALA A 335 -14.19 -22.44 -2.35
CA ALA A 335 -12.90 -21.94 -1.86
C ALA A 335 -12.77 -22.14 -0.36
N ILE A 336 -13.76 -21.67 0.41
CA ILE A 336 -13.71 -21.81 1.86
C ILE A 336 -13.49 -23.26 2.25
N LEU A 337 -14.24 -24.18 1.64
CA LEU A 337 -14.07 -25.59 1.94
C LEU A 337 -12.68 -26.07 1.56
N LEU A 338 -12.26 -25.79 0.32
CA LEU A 338 -10.97 -26.29 -0.14
C LEU A 338 -9.83 -25.83 0.78
N ALA A 339 -9.86 -24.56 1.19
CA ALA A 339 -8.86 -24.07 2.13
C ALA A 339 -8.89 -24.88 3.42
N PHE A 340 -10.10 -25.10 3.96
CA PHE A 340 -10.23 -25.89 5.18
C PHE A 340 -9.69 -27.30 5.00
N ILE A 341 -9.97 -27.92 3.84
CA ILE A 341 -9.51 -29.28 3.61
C ILE A 341 -8.00 -29.33 3.45
N ILE A 342 -7.43 -28.39 2.69
CA ILE A 342 -6.01 -28.47 2.34
C ILE A 342 -5.14 -28.25 3.57
N THR A 343 -5.48 -27.27 4.40
CA THR A 343 -4.58 -26.89 5.49
C THR A 343 -4.67 -27.85 6.67
N TRP A 344 -5.86 -28.32 7.01
CA TRP A 344 -6.05 -29.15 8.20
C TRP A 344 -5.80 -30.63 7.97
N THR A 345 -5.87 -31.10 6.72
CA THR A 345 -5.70 -32.53 6.47
C THR A 345 -4.37 -33.08 6.97
N PRO A 346 -3.22 -32.41 6.75
CA PRO A 346 -1.95 -32.98 7.22
C PRO A 346 -1.97 -33.39 8.68
N TYR A 347 -2.32 -32.44 9.56
CA TYR A 347 -2.33 -32.72 11.00
C TYR A 347 -3.19 -33.94 11.32
N ASN A 348 -4.39 -34.00 10.77
CA ASN A 348 -5.30 -35.11 11.08
C ASN A 348 -4.78 -36.42 10.51
N ILE A 349 -4.13 -36.38 9.34
CA ILE A 349 -3.54 -37.61 8.80
C ILE A 349 -2.44 -38.13 9.72
N MET A 350 -1.77 -37.23 10.44
CA MET A 350 -0.79 -37.67 11.43
C MET A 350 -1.47 -38.32 12.63
N VAL A 351 -2.61 -37.77 13.05
CA VAL A 351 -3.36 -38.37 14.14
C VAL A 351 -3.76 -39.81 13.79
N LEU A 352 -4.22 -40.02 12.55
CA LEU A 352 -4.53 -41.38 12.10
C LEU A 352 -3.29 -42.25 12.11
N VAL A 353 -2.18 -41.75 11.55
CA VAL A 353 -0.95 -42.52 11.50
C VAL A 353 -0.45 -42.82 12.91
N ASN A 354 -0.33 -41.78 13.74
CA ASN A 354 0.19 -41.97 15.09
C ASN A 354 -0.63 -42.96 15.91
N THR A 355 -1.89 -43.20 15.53
CA THR A 355 -2.72 -44.12 16.29
C THR A 355 -2.23 -45.56 16.17
N PHE A 356 -1.58 -45.90 15.06
CA PHE A 356 -1.10 -47.26 14.83
C PHE A 356 0.42 -47.33 14.88
N CYS A 357 1.06 -46.28 15.38
CA CYS A 357 2.51 -46.18 15.49
C CYS A 357 2.87 -45.71 16.89
N ASP A 358 3.72 -46.46 17.58
CA ASP A 358 4.14 -46.02 18.90
C ASP A 358 4.73 -44.62 18.85
N SER A 359 5.69 -44.39 17.97
CA SER A 359 6.27 -43.06 17.76
C SER A 359 6.83 -43.04 16.35
N CYS A 360 6.10 -42.42 15.43
CA CYS A 360 6.52 -42.34 14.04
C CYS A 360 6.48 -40.94 13.46
N ILE A 361 6.00 -39.95 14.20
CA ILE A 361 6.00 -38.57 13.75
C ILE A 361 7.01 -37.79 14.58
N PRO A 362 7.99 -37.14 13.97
CA PRO A 362 8.90 -36.28 14.75
C PRO A 362 8.14 -35.12 15.38
N LYS A 363 8.70 -34.60 16.48
CA LYS A 363 8.09 -33.45 17.13
C LYS A 363 7.91 -32.29 16.17
N THR A 364 8.75 -32.21 15.13
CA THR A 364 8.64 -31.09 14.19
C THR A 364 7.42 -31.24 13.28
N TYR A 365 7.18 -32.45 12.77
CA TYR A 365 6.06 -32.66 11.87
C TYR A 365 4.73 -32.28 12.52
N TRP A 366 4.59 -32.57 13.83
CA TRP A 366 3.38 -32.15 14.53
C TRP A 366 3.29 -30.64 14.61
N ASN A 367 4.39 -29.97 14.96
CA ASN A 367 4.36 -28.52 15.09
C ASN A 367 4.06 -27.85 13.76
N LEU A 368 4.51 -28.44 12.65
CA LEU A 368 4.19 -27.88 11.34
C LEU A 368 2.71 -28.00 11.04
N GLY A 369 2.15 -29.20 11.18
CA GLY A 369 0.72 -29.36 10.99
C GLY A 369 -0.10 -28.43 11.86
N TYR A 370 0.35 -28.20 13.09
CA TYR A 370 -0.36 -27.30 13.98
C TYR A 370 -0.35 -25.88 13.44
N TRP A 371 0.81 -25.39 13.01
CA TRP A 371 0.89 -24.04 12.44
C TRP A 371 0.18 -23.97 11.09
N LEU A 372 0.26 -25.06 10.30
CA LEU A 372 -0.44 -25.09 9.02
C LEU A 372 -1.94 -24.91 9.22
N CYS A 373 -2.52 -25.60 10.21
CA CYS A 373 -3.93 -25.41 10.51
C CYS A 373 -4.23 -23.95 10.80
N TYR A 374 -3.32 -23.26 11.49
CA TYR A 374 -3.48 -21.83 11.72
C TYR A 374 -3.58 -21.06 10.41
N ILE A 375 -2.81 -21.47 9.40
CA ILE A 375 -2.78 -20.74 8.14
C ILE A 375 -4.16 -20.69 7.50
N ASN A 376 -4.99 -21.71 7.73
CA ASN A 376 -6.36 -21.66 7.24
C ASN A 376 -7.06 -20.38 7.69
N SER A 377 -6.77 -19.94 8.91
CA SER A 377 -7.31 -18.67 9.38
C SER A 377 -6.70 -17.47 8.67
N THR A 378 -5.61 -17.66 7.93
CA THR A 378 -4.99 -16.59 7.17
C THR A 378 -5.49 -16.49 5.74
N VAL A 379 -6.02 -17.58 5.19
CA VAL A 379 -6.40 -17.59 3.78
C VAL A 379 -7.84 -17.13 3.56
N ASN A 380 -8.73 -17.35 4.52
CA ASN A 380 -10.14 -16.99 4.33
C ASN A 380 -10.34 -15.56 3.87
N PRO A 381 -9.80 -14.54 4.54
CA PRO A 381 -9.95 -13.17 4.02
C PRO A 381 -9.48 -13.02 2.59
N VAL A 382 -8.43 -13.74 2.19
CA VAL A 382 -7.95 -13.68 0.81
C VAL A 382 -9.00 -14.25 -0.14
N CYS A 383 -9.57 -15.41 0.22
CA CYS A 383 -10.61 -16.01 -0.63
C CYS A 383 -11.79 -15.07 -0.79
N TYR A 384 -12.17 -14.36 0.27
CA TYR A 384 -13.26 -13.41 0.19
C TYR A 384 -13.02 -12.38 -0.89
N ALA A 385 -11.89 -11.68 -0.82
CA ALA A 385 -11.59 -10.63 -1.80
C ALA A 385 -11.35 -11.22 -3.19
N LEU A 386 -10.89 -12.46 -3.28
CA LEU A 386 -10.60 -13.05 -4.58
C LEU A 386 -11.88 -13.37 -5.34
N CYS A 387 -12.89 -13.90 -4.65
CA CYS A 387 -14.15 -14.28 -5.29
C CYS A 387 -15.16 -13.14 -5.29
N ASN A 388 -15.54 -12.67 -4.10
CA ASN A 388 -16.56 -11.64 -3.98
C ASN A 388 -15.98 -10.28 -4.37
N LYS A 389 -16.71 -9.57 -5.24
CA LYS A 389 -16.24 -8.26 -5.69
C LYS A 389 -16.50 -7.17 -4.65
N THR A 390 -17.58 -7.29 -3.87
CA THR A 390 -17.89 -6.27 -2.88
C THR A 390 -16.80 -6.18 -1.82
N PHE A 391 -16.27 -7.32 -1.38
CA PHE A 391 -15.16 -7.31 -0.43
C PHE A 391 -13.91 -6.69 -1.05
N ARG A 392 -13.67 -6.94 -2.34
CA ARG A 392 -12.48 -6.42 -2.99
C ARG A 392 -12.47 -4.90 -3.00
N THR A 393 -13.63 -4.28 -3.22
CA THR A 393 -13.70 -2.82 -3.23
C THR A 393 -13.75 -2.26 -1.81
N THR A 394 -14.54 -2.89 -0.93
CA THR A 394 -14.62 -2.42 0.45
C THR A 394 -13.26 -2.48 1.13
N PHE A 395 -12.49 -3.54 0.89
CA PHE A 395 -11.15 -3.64 1.46
C PHE A 395 -10.23 -2.55 0.91
N LYS A 396 -10.42 -2.16 -0.35
CA LYS A 396 -9.57 -1.14 -0.94
C LYS A 396 -9.88 0.24 -0.36
N THR A 397 -11.16 0.54 -0.16
CA THR A 397 -11.54 1.84 0.38
C THR A 397 -11.18 2.00 1.86
N LEU A 398 -10.91 0.89 2.56
CA LEU A 398 -10.54 0.97 3.96
C LEU A 398 -9.06 1.33 4.13
N LEU A 399 -8.18 0.67 3.38
CA LEU A 399 -6.75 0.94 3.50
C LEU A 399 -6.42 2.36 3.05
N LEU A 400 -6.94 2.77 1.89
CA LEU A 400 -6.61 4.07 1.32
C LEU A 400 -7.59 5.15 1.77
N CYS A 401 -8.86 4.96 1.47
CA CYS A 401 -9.89 5.95 1.82
C CYS A 401 -10.36 5.77 3.26
N THR B 8 15.98 -12.61 27.47
CA THR B 8 17.07 -12.66 26.51
C THR B 8 16.57 -13.10 25.13
N ILE B 9 15.63 -14.05 25.13
CA ILE B 9 15.00 -14.45 23.87
C ILE B 9 14.15 -13.32 23.31
N TRP B 10 13.42 -12.63 24.18
CA TRP B 10 12.69 -11.45 23.75
C TRP B 10 13.63 -10.35 23.27
N GLN B 11 14.81 -10.25 23.87
CA GLN B 11 15.78 -9.23 23.47
C GLN B 11 16.19 -9.41 22.03
N VAL B 12 16.41 -10.66 21.60
CA VAL B 12 16.82 -10.91 20.22
C VAL B 12 15.64 -10.74 19.26
N VAL B 13 14.43 -11.07 19.70
CA VAL B 13 13.26 -10.92 18.83
C VAL B 13 12.99 -9.43 18.59
N PHE B 14 12.97 -8.64 19.65
CA PHE B 14 12.68 -7.22 19.51
C PHE B 14 13.71 -6.53 18.62
N ILE B 15 14.99 -6.87 18.79
CA ILE B 15 16.04 -6.26 17.97
C ILE B 15 15.81 -6.57 16.50
N ALA B 16 15.56 -7.85 16.18
CA ALA B 16 15.41 -8.25 14.79
C ALA B 16 14.22 -7.59 14.10
N PHE B 17 13.24 -7.09 14.87
CA PHE B 17 12.10 -6.42 14.25
C PHE B 17 12.41 -4.97 13.92
N LEU B 18 13.00 -4.24 14.87
CA LEU B 18 13.40 -2.87 14.59
C LEU B 18 14.35 -2.81 13.39
N THR B 19 15.39 -3.65 13.41
CA THR B 19 16.33 -3.67 12.29
C THR B 19 15.63 -4.10 11.01
N GLY B 20 14.81 -5.16 11.08
CA GLY B 20 14.10 -5.60 9.90
C GLY B 20 13.15 -4.55 9.36
N PHE B 21 12.37 -3.93 10.25
CA PHE B 21 11.41 -2.92 9.81
C PHE B 21 12.12 -1.71 9.22
N LEU B 22 13.07 -1.13 9.96
CA LEU B 22 13.80 0.02 9.46
C LEU B 22 14.50 -0.30 8.15
N ALA B 23 15.17 -1.46 8.07
CA ALA B 23 15.81 -1.84 6.82
C ALA B 23 14.80 -1.95 5.69
N LEU B 24 13.61 -2.47 5.98
CA LEU B 24 12.58 -2.60 4.94
C LEU B 24 12.18 -1.24 4.39
N VAL B 25 11.86 -0.30 5.28
CA VAL B 25 11.48 1.04 4.85
C VAL B 25 12.59 1.68 4.03
N THR B 26 13.84 1.49 4.45
CA THR B 26 14.96 2.07 3.72
C THR B 26 15.01 1.58 2.28
N ILE B 27 14.89 0.26 2.09
CA ILE B 27 15.04 -0.29 0.75
C ILE B 27 13.93 0.20 -0.18
N ILE B 28 12.67 0.03 0.24
CA ILE B 28 11.56 0.51 -0.59
C ILE B 28 11.63 2.02 -0.75
N GLY B 29 12.02 2.73 0.31
CA GLY B 29 12.10 4.18 0.22
C GLY B 29 13.04 4.66 -0.86
N ASN B 30 14.29 4.17 -0.82
CA ASN B 30 15.26 4.57 -1.83
C ASN B 30 15.04 3.87 -3.16
N ILE B 31 14.37 2.71 -3.17
CA ILE B 31 14.04 2.06 -4.44
C ILE B 31 13.04 2.90 -5.21
N LEU B 32 12.01 3.41 -4.52
CA LEU B 32 11.03 4.27 -5.19
C LEU B 32 11.68 5.54 -5.72
N VAL B 33 12.65 6.09 -4.98
CA VAL B 33 13.31 7.31 -5.41
C VAL B 33 13.99 7.10 -6.75
N ILE B 34 14.83 6.06 -6.85
CA ILE B 34 15.53 5.80 -8.10
C ILE B 34 14.55 5.47 -9.21
N VAL B 35 13.53 4.65 -8.90
CA VAL B 35 12.52 4.32 -9.90
C VAL B 35 11.73 5.57 -10.30
N ALA B 36 11.26 6.33 -9.30
CA ALA B 36 10.49 7.54 -9.58
C ALA B 36 11.25 8.49 -10.49
N PHE B 37 12.58 8.43 -10.48
CA PHE B 37 13.37 9.28 -11.37
C PHE B 37 13.45 8.69 -12.78
N LYS B 38 13.57 7.37 -12.88
CA LYS B 38 13.73 6.75 -14.19
C LYS B 38 12.44 6.79 -14.99
N VAL B 39 11.30 6.51 -14.34
CA VAL B 39 10.04 6.39 -15.07
C VAL B 39 9.45 7.76 -15.39
N ASN B 40 9.38 8.63 -14.39
CA ASN B 40 8.71 9.92 -14.54
C ASN B 40 9.61 10.91 -15.27
N LYS B 41 9.18 11.35 -16.45
CA LYS B 41 9.95 12.32 -17.23
C LYS B 41 9.93 13.71 -16.61
N GLN B 42 9.03 13.97 -15.67
CA GLN B 42 8.85 15.33 -15.17
C GLN B 42 9.97 15.75 -14.24
N LEU B 43 10.38 14.87 -13.32
CA LEU B 43 11.35 15.20 -12.29
C LEU B 43 12.76 14.72 -12.63
N LYS B 44 13.11 14.69 -13.91
CA LYS B 44 14.47 14.35 -14.34
C LYS B 44 15.21 15.65 -14.61
N THR B 45 16.06 16.05 -13.67
CA THR B 45 16.85 17.26 -13.80
C THR B 45 18.25 17.01 -13.26
N VAL B 46 19.16 17.94 -13.54
CA VAL B 46 20.50 17.86 -12.97
C VAL B 46 20.43 17.93 -11.45
N ASN B 47 19.50 18.72 -10.92
CA ASN B 47 19.29 18.75 -9.48
C ASN B 47 18.98 17.36 -8.94
N ASN B 48 17.87 16.77 -9.39
CA ASN B 48 17.53 15.42 -8.94
C ASN B 48 18.59 14.41 -9.32
N TYR B 49 19.41 14.71 -10.34
CA TYR B 49 20.53 13.83 -10.68
C TYR B 49 21.37 13.50 -9.45
N PHE B 50 21.63 14.51 -8.61
CA PHE B 50 22.38 14.29 -7.38
C PHE B 50 21.56 13.49 -6.36
N LEU B 51 20.32 13.90 -6.13
CA LEU B 51 19.46 13.19 -5.18
C LEU B 51 19.39 11.69 -5.50
N LEU B 52 19.56 11.33 -6.77
CA LEU B 52 19.59 9.92 -7.12
C LEU B 52 20.84 9.25 -6.55
N SER B 53 22.00 9.89 -6.72
CA SER B 53 23.24 9.34 -6.18
C SER B 53 23.13 9.13 -4.67
N LEU B 54 22.47 10.05 -3.97
CA LEU B 54 22.23 9.86 -2.54
C LEU B 54 21.49 8.55 -2.29
N ALA B 55 20.42 8.30 -3.05
CA ALA B 55 19.66 7.06 -2.88
C ALA B 55 20.55 5.84 -3.09
N CYS B 56 21.46 5.91 -4.05
CA CYS B 56 22.37 4.79 -4.29
C CYS B 56 23.19 4.50 -3.04
N ALA B 57 23.78 5.53 -2.44
CA ALA B 57 24.57 5.35 -1.22
C ALA B 57 23.68 4.88 -0.06
N ASP B 58 22.53 5.54 0.12
CA ASP B 58 21.63 5.16 1.21
C ASP B 58 21.04 3.77 1.00
N LEU B 59 20.84 3.36 -0.25
CA LEU B 59 20.30 2.02 -0.50
C LEU B 59 21.29 0.95 -0.10
N ILE B 60 22.59 1.20 -0.31
CA ILE B 60 23.62 0.27 0.14
C ILE B 60 23.56 0.09 1.65
N ILE B 61 23.30 1.17 2.37
CA ILE B 61 23.30 1.12 3.83
C ILE B 61 22.14 0.27 4.34
N GLY B 62 20.95 0.45 3.77
CA GLY B 62 19.80 -0.30 4.23
C GLY B 62 19.86 -1.77 3.88
N VAL B 63 20.56 -2.11 2.79
CA VAL B 63 20.58 -3.50 2.33
C VAL B 63 21.63 -4.31 3.07
N ILE B 64 22.88 -3.84 3.05
CA ILE B 64 23.99 -4.58 3.62
C ILE B 64 24.27 -4.13 5.05
N SER B 65 24.63 -2.86 5.22
CA SER B 65 25.18 -2.39 6.49
C SER B 65 24.21 -2.63 7.64
N MET B 66 22.93 -2.30 7.45
CA MET B 66 21.98 -2.40 8.55
C MET B 66 21.90 -3.82 9.10
N ASN B 67 21.96 -4.82 8.22
CA ASN B 67 21.78 -6.20 8.64
C ASN B 67 23.07 -6.87 9.08
N LEU B 68 24.20 -6.50 8.46
CA LEU B 68 25.49 -7.04 8.91
C LEU B 68 25.84 -6.51 10.30
N PHE B 69 25.67 -5.21 10.52
CA PHE B 69 25.93 -4.66 11.84
C PHE B 69 24.93 -5.18 12.86
N THR B 70 23.70 -5.48 12.44
CA THR B 70 22.73 -6.06 13.36
C THR B 70 23.14 -7.46 13.80
N THR B 71 23.71 -8.24 12.87
CA THR B 71 24.23 -9.55 13.23
C THR B 71 25.30 -9.44 14.31
N TYR B 72 26.26 -8.54 14.10
CA TYR B 72 27.29 -8.29 15.11
C TYR B 72 26.68 -8.04 16.48
N ILE B 73 25.56 -7.31 16.52
CA ILE B 73 24.93 -6.98 17.80
C ILE B 73 24.07 -8.13 18.29
N ILE B 74 23.37 -8.82 17.40
CA ILE B 74 22.54 -9.94 17.81
C ILE B 74 23.39 -11.02 18.46
N MET B 75 24.33 -11.59 17.70
CA MET B 75 25.19 -12.64 18.22
C MET B 75 26.23 -12.12 19.21
N ASN B 76 26.36 -10.80 19.35
CA ASN B 76 27.33 -10.21 20.27
C ASN B 76 28.76 -10.64 19.94
N ARG B 77 29.01 -10.96 18.67
CA ARG B 77 30.33 -11.36 18.22
C ARG B 77 30.32 -11.43 16.70
N TRP B 78 31.48 -11.19 16.09
CA TRP B 78 31.63 -11.23 14.65
C TRP B 78 32.10 -12.61 14.23
N ALA B 79 31.27 -13.31 13.45
CA ALA B 79 31.56 -14.67 13.03
C ALA B 79 31.56 -14.84 11.52
N LEU B 80 31.55 -13.74 10.76
CA LEU B 80 31.51 -13.80 9.31
C LEU B 80 32.90 -13.93 8.69
N GLY B 81 33.92 -14.23 9.48
CA GLY B 81 35.27 -14.31 8.96
C GLY B 81 35.99 -12.98 9.01
N ASN B 82 37.25 -13.02 8.59
CA ASN B 82 38.10 -11.84 8.62
C ASN B 82 37.94 -10.97 7.37
N LEU B 83 37.84 -11.58 6.19
CA LEU B 83 37.63 -10.80 4.98
C LEU B 83 36.26 -10.15 4.95
N ALA B 84 35.26 -10.79 5.59
CA ALA B 84 33.95 -10.17 5.68
C ALA B 84 33.99 -8.90 6.52
N CYS B 85 34.73 -8.92 7.62
CA CYS B 85 34.86 -7.72 8.45
C CYS B 85 35.51 -6.59 7.67
N ASP B 86 36.56 -6.89 6.90
CA ASP B 86 37.24 -5.85 6.15
C ASP B 86 36.34 -5.29 5.04
N LEU B 87 35.62 -6.17 4.33
CA LEU B 87 34.74 -5.70 3.26
C LEU B 87 33.60 -4.87 3.82
N TRP B 88 32.94 -5.37 4.87
CA TRP B 88 31.84 -4.63 5.48
C TRP B 88 32.28 -3.24 5.90
N LEU B 89 33.40 -3.15 6.62
CA LEU B 89 33.92 -1.84 7.04
C LEU B 89 34.15 -0.93 5.83
N SER B 90 34.62 -1.51 4.72
CA SER B 90 34.87 -0.69 3.53
C SER B 90 33.57 -0.21 2.91
N ILE B 91 32.59 -1.10 2.78
CA ILE B 91 31.28 -0.70 2.24
C ILE B 91 30.65 0.37 3.14
N ASP B 92 30.68 0.14 4.45
CA ASP B 92 30.00 1.04 5.38
C ASP B 92 30.57 2.45 5.28
N TYR B 93 31.89 2.59 5.23
CA TYR B 93 32.52 3.90 5.30
C TYR B 93 32.64 4.58 3.94
N VAL B 94 32.97 3.82 2.90
CA VAL B 94 33.06 4.41 1.56
C VAL B 94 31.71 4.99 1.15
N ALA B 95 30.62 4.27 1.45
CA ALA B 95 29.30 4.76 1.09
C ALA B 95 28.89 5.94 1.96
N SER B 96 29.13 5.86 3.27
CA SER B 96 28.75 6.95 4.17
C SER B 96 29.55 8.21 3.86
N ASN B 97 30.83 8.07 3.51
CA ASN B 97 31.61 9.25 3.14
C ASN B 97 31.10 9.84 1.83
N ALA B 98 30.82 9.00 0.84
CA ALA B 98 30.22 9.48 -0.39
C ALA B 98 28.93 10.25 -0.10
N ARG B 99 28.18 9.84 0.92
CA ARG B 99 26.95 10.55 1.26
C ARG B 99 27.25 11.96 1.73
N VAL B 100 28.26 12.13 2.58
CA VAL B 100 28.60 13.47 3.07
C VAL B 100 29.01 14.36 1.89
N MET B 101 29.81 13.83 0.96
CA MET B 101 30.20 14.61 -0.20
C MET B 101 29.02 14.87 -1.12
N ASN B 102 28.09 13.93 -1.23
CA ASN B 102 26.87 14.18 -1.98
C ASN B 102 26.16 15.42 -1.47
N LEU B 103 25.98 15.51 -0.15
CA LEU B 103 25.34 16.68 0.43
C LEU B 103 26.15 17.95 0.16
N LEU B 104 27.47 17.83 0.08
CA LEU B 104 28.29 18.99 -0.24
C LEU B 104 28.03 19.48 -1.66
N VAL B 105 27.95 18.56 -2.61
CA VAL B 105 27.64 18.94 -3.99
C VAL B 105 26.23 19.53 -4.06
N ILE B 106 25.27 18.90 -3.38
CA ILE B 106 23.90 19.38 -3.39
C ILE B 106 23.82 20.80 -2.84
N SER B 107 24.63 21.10 -1.82
CA SER B 107 24.62 22.44 -1.24
C SER B 107 25.24 23.45 -2.19
N PHE B 108 26.48 23.20 -2.63
CA PHE B 108 27.13 24.13 -3.55
C PHE B 108 26.35 24.27 -4.86
N ASP B 109 25.56 23.26 -5.22
CA ASP B 109 24.73 23.38 -6.42
C ASP B 109 23.63 24.41 -6.21
N ARG B 110 22.83 24.24 -5.16
CA ARG B 110 21.77 25.21 -4.87
C ARG B 110 22.33 26.61 -4.66
N TYR B 111 23.54 26.72 -4.11
CA TYR B 111 24.11 28.03 -3.87
C TYR B 111 24.54 28.70 -5.17
N PHE B 112 25.24 27.96 -6.04
CA PHE B 112 25.68 28.53 -7.31
C PHE B 112 24.51 28.78 -8.25
N SER B 113 23.44 27.99 -8.15
CA SER B 113 22.26 28.24 -8.96
C SER B 113 21.61 29.56 -8.58
N ILE B 114 21.40 29.79 -7.28
CA ILE B 114 20.74 31.01 -6.85
C ILE B 114 21.66 32.22 -6.96
N THR B 115 22.96 32.03 -6.71
CA THR B 115 23.88 33.16 -6.71
C THR B 115 24.10 33.72 -8.11
N ARG B 116 24.52 32.86 -9.04
CA ARG B 116 24.79 33.26 -10.42
C ARG B 116 24.04 32.30 -11.35
N PRO B 117 22.76 32.56 -11.59
CA PRO B 117 21.96 31.61 -12.38
C PRO B 117 22.08 31.83 -13.89
N LEU B 118 22.50 33.02 -14.29
CA LEU B 118 22.67 33.30 -15.72
C LEU B 118 23.74 32.40 -16.33
N THR B 119 24.90 32.30 -15.68
CA THR B 119 26.05 31.59 -16.24
C THR B 119 26.21 30.19 -15.66
N TYR B 120 26.16 30.05 -14.33
CA TYR B 120 26.44 28.75 -13.72
C TYR B 120 25.50 27.67 -14.28
N ARG B 121 24.21 27.97 -14.34
CA ARG B 121 23.25 27.00 -14.90
C ARG B 121 23.53 26.69 -16.36
N ALA B 122 24.35 27.48 -17.04
CA ALA B 122 24.73 27.16 -18.41
C ALA B 122 25.74 26.01 -18.43
N LYS B 123 26.62 25.96 -17.44
CA LYS B 123 27.62 24.91 -17.33
C LYS B 123 27.12 23.69 -16.55
N ARG B 124 25.87 23.72 -16.07
CA ARG B 124 25.29 22.60 -15.33
C ARG B 124 24.80 21.52 -16.31
N THR B 125 25.76 20.94 -17.02
CA THR B 125 25.48 19.92 -18.01
C THR B 125 25.46 18.53 -17.35
N THR B 126 24.76 17.60 -18.01
CA THR B 126 24.65 16.25 -17.48
C THR B 126 26.01 15.58 -17.36
N LYS B 127 26.91 15.85 -18.32
CA LYS B 127 28.24 15.27 -18.25
C LYS B 127 28.98 15.71 -16.99
N ARG B 128 28.98 17.03 -16.73
CA ARG B 128 29.65 17.52 -15.54
C ARG B 128 29.02 16.99 -14.26
N ALA B 129 27.69 16.88 -14.25
CA ALA B 129 27.01 16.32 -13.08
C ALA B 129 27.51 14.93 -12.77
N GLY B 130 27.61 14.07 -13.79
CA GLY B 130 28.15 12.73 -13.58
C GLY B 130 29.57 12.76 -13.08
N VAL B 131 30.42 13.58 -13.70
CA VAL B 131 31.81 13.69 -13.29
C VAL B 131 31.90 13.99 -11.79
N MET B 132 31.06 14.90 -11.31
CA MET B 132 31.07 15.23 -9.89
C MET B 132 30.76 13.99 -9.05
N ILE B 133 29.69 13.28 -9.39
CA ILE B 133 29.33 12.08 -8.66
C ILE B 133 30.48 11.08 -8.69
N GLY B 134 31.11 10.91 -9.85
CA GLY B 134 32.24 10.00 -9.94
C GLY B 134 33.32 10.34 -8.94
N LEU B 135 33.72 11.62 -8.88
CA LEU B 135 34.72 12.03 -7.92
C LEU B 135 34.28 11.69 -6.49
N ALA B 136 33.03 12.02 -6.15
CA ALA B 136 32.54 11.76 -4.80
C ALA B 136 32.78 10.32 -4.38
N TRP B 137 32.46 9.37 -5.26
CA TRP B 137 32.66 7.97 -4.92
C TRP B 137 34.13 7.57 -5.03
N VAL B 138 34.77 7.91 -6.14
CA VAL B 138 36.19 7.55 -6.32
C VAL B 138 37.02 8.10 -5.16
N ILE B 139 36.85 9.38 -4.86
CA ILE B 139 37.55 9.98 -3.71
C ILE B 139 37.20 9.20 -2.45
N SER B 140 35.90 9.07 -2.15
CA SER B 140 35.48 8.35 -0.96
C SER B 140 36.06 6.94 -0.91
N PHE B 141 36.20 6.30 -2.06
CA PHE B 141 36.77 4.95 -2.09
C PHE B 141 38.27 4.98 -1.77
N VAL B 142 39.02 5.82 -2.49
CA VAL B 142 40.48 5.81 -2.36
C VAL B 142 40.89 6.13 -0.93
N LEU B 143 40.18 7.05 -0.28
CA LEU B 143 40.57 7.45 1.07
C LEU B 143 40.47 6.27 2.04
N TRP B 144 39.32 5.58 2.06
CA TRP B 144 39.05 4.58 3.08
C TRP B 144 39.50 3.18 2.67
N ALA B 145 39.04 2.70 1.51
CA ALA B 145 39.26 1.33 1.05
C ALA B 145 40.67 0.84 1.36
N PRO B 146 41.71 1.54 0.90
CA PRO B 146 43.08 1.04 1.15
C PRO B 146 43.40 0.91 2.63
N ALA B 147 43.09 1.94 3.43
CA ALA B 147 43.45 1.90 4.85
C ALA B 147 42.73 0.76 5.57
N ILE B 148 41.41 0.67 5.39
CA ILE B 148 40.63 -0.34 6.10
C ILE B 148 41.05 -1.74 5.68
N LEU B 149 41.59 -1.89 4.46
CA LEU B 149 41.91 -3.20 3.93
C LEU B 149 43.37 -3.58 4.08
N PHE B 150 44.30 -2.62 4.00
CA PHE B 150 45.72 -2.93 3.92
C PHE B 150 46.54 -2.41 5.09
N TRP B 151 45.92 -1.72 6.06
CA TRP B 151 46.71 -1.19 7.17
C TRP B 151 47.39 -2.30 7.95
N GLN B 152 46.69 -3.42 8.15
CA GLN B 152 47.27 -4.54 8.87
C GLN B 152 48.57 -5.01 8.22
N TYR B 153 48.60 -5.08 6.88
CA TYR B 153 49.79 -5.54 6.18
C TYR B 153 50.94 -4.55 6.27
N PHE B 154 50.65 -3.27 6.56
CA PHE B 154 51.72 -2.31 6.78
C PHE B 154 52.31 -2.46 8.18
N VAL B 155 51.46 -2.70 9.18
CA VAL B 155 51.95 -2.89 10.54
C VAL B 155 52.55 -4.27 10.75
N GLY B 156 52.20 -5.23 9.90
CA GLY B 156 52.69 -6.59 10.05
C GLY B 156 51.88 -7.46 10.99
N LYS B 157 50.83 -6.92 11.60
CA LYS B 157 49.98 -7.69 12.50
C LYS B 157 48.58 -7.11 12.47
N ARG B 158 47.60 -7.95 12.83
CA ARG B 158 46.19 -7.57 12.87
C ARG B 158 45.77 -7.42 14.32
N THR B 159 45.61 -6.18 14.77
CA THR B 159 45.19 -5.94 16.15
C THR B 159 43.80 -6.50 16.42
N VAL B 160 42.96 -6.61 15.38
CA VAL B 160 41.59 -7.06 15.55
C VAL B 160 41.58 -8.51 16.00
N PRO B 161 41.13 -8.80 17.24
CA PRO B 161 41.11 -10.20 17.68
C PRO B 161 39.97 -10.95 17.03
N PRO B 162 40.09 -12.27 16.90
CA PRO B 162 38.96 -13.05 16.39
C PRO B 162 37.72 -12.84 17.23
N GLY B 163 36.57 -12.74 16.56
CA GLY B 163 35.31 -12.51 17.22
C GLY B 163 34.91 -11.06 17.34
N GLU B 164 35.69 -10.14 16.78
CA GLU B 164 35.37 -8.72 16.82
C GLU B 164 35.64 -8.11 15.45
N CYS B 165 35.05 -6.93 15.23
CA CYS B 165 35.21 -6.23 13.96
C CYS B 165 35.21 -4.73 14.22
N PHE B 166 36.25 -4.06 13.72
CA PHE B 166 36.39 -2.62 13.86
C PHE B 166 37.56 -2.18 12.99
N ILE B 167 37.62 -0.88 12.72
CA ILE B 167 38.69 -0.31 11.91
C ILE B 167 39.93 -0.16 12.77
N GLN B 168 41.03 -0.78 12.34
CA GLN B 168 42.21 -0.90 13.18
C GLN B 168 42.96 0.43 13.30
N PHE B 169 43.24 1.06 12.16
CA PHE B 169 44.02 2.31 12.18
C PHE B 169 43.31 3.44 12.92
N LEU B 170 42.00 3.31 13.18
CA LEU B 170 41.29 4.26 14.01
C LEU B 170 41.24 3.86 15.47
N SER B 171 42.07 2.90 15.88
CA SER B 171 42.05 2.41 17.26
C SER B 171 42.51 3.48 18.24
N GLU B 172 43.43 4.34 17.84
CA GLU B 172 43.87 5.43 18.71
C GLU B 172 42.83 6.54 18.70
N PRO B 173 42.38 7.01 19.87
CA PRO B 173 41.27 7.99 19.87
C PRO B 173 41.63 9.31 19.24
N THR B 174 42.86 9.79 19.41
CA THR B 174 43.27 11.05 18.81
C THR B 174 43.15 11.00 17.29
N ILE B 175 43.46 9.85 16.70
CA ILE B 175 43.34 9.70 15.24
C ILE B 175 41.89 9.76 14.81
N THR B 176 40.99 9.14 15.60
CA THR B 176 39.58 9.16 15.25
C THR B 176 38.99 10.56 15.34
N PHE B 177 39.38 11.33 16.36
CA PHE B 177 38.83 12.67 16.52
C PHE B 177 39.22 13.57 15.36
N GLY B 178 40.50 13.54 14.98
CA GLY B 178 40.92 14.31 13.82
C GLY B 178 40.19 13.90 12.56
N THR B 179 39.91 12.60 12.43
CA THR B 179 39.17 12.13 11.26
C THR B 179 37.72 12.57 11.30
N ALA B 180 37.07 12.45 12.46
CA ALA B 180 35.71 12.95 12.61
C ALA B 180 35.60 14.42 12.23
N ILE B 181 36.66 15.19 12.46
CA ILE B 181 36.64 16.62 12.11
C ILE B 181 36.51 16.79 10.60
N ALA B 182 37.45 16.22 9.85
CA ALA B 182 37.43 16.39 8.40
C ALA B 182 36.26 15.67 7.76
N ALA B 183 35.92 14.48 8.27
CA ALA B 183 34.90 13.66 7.63
C ALA B 183 33.49 14.16 7.91
N PHE B 184 33.21 14.60 9.13
CA PHE B 184 31.86 15.03 9.49
C PHE B 184 31.77 16.49 9.90
N TYR B 185 32.58 16.93 10.87
CA TYR B 185 32.43 18.27 11.42
C TYR B 185 32.61 19.32 10.33
N MET B 186 33.79 19.36 9.71
CA MET B 186 34.05 20.34 8.66
C MET B 186 32.98 20.34 7.58
N PRO B 187 32.54 19.20 7.05
CA PRO B 187 31.42 19.23 6.10
C PRO B 187 30.17 19.88 6.68
N VAL B 188 29.80 19.52 7.91
CA VAL B 188 28.62 20.12 8.53
C VAL B 188 28.77 21.63 8.60
N THR B 189 29.93 22.11 9.07
CA THR B 189 30.18 23.55 9.14
C THR B 189 29.94 24.21 7.79
N ILE B 190 30.48 23.61 6.72
CA ILE B 190 30.33 24.19 5.39
C ILE B 190 28.86 24.17 4.96
N MET B 191 28.19 23.03 5.15
CA MET B 191 26.80 22.92 4.72
C MET B 191 25.90 23.88 5.50
N THR B 192 26.23 24.14 6.77
CA THR B 192 25.47 25.14 7.52
C THR B 192 25.66 26.52 6.93
N ILE B 193 26.90 26.91 6.64
CA ILE B 193 27.17 28.24 6.09
C ILE B 193 26.39 28.44 4.80
N LEU B 194 26.48 27.49 3.88
CA LEU B 194 25.81 27.64 2.59
C LEU B 194 24.32 27.86 2.76
N TYR B 195 23.68 27.06 3.61
CA TYR B 195 22.23 27.18 3.78
C TYR B 195 21.85 28.59 4.21
N TRP B 196 22.50 29.12 5.25
CA TRP B 196 22.17 30.46 5.70
C TRP B 196 22.56 31.51 4.66
N ARG B 197 23.53 31.20 3.80
CA ARG B 197 23.76 32.04 2.63
C ARG B 197 22.63 31.87 1.61
N ILE B 198 22.22 30.63 1.36
CA ILE B 198 21.09 30.37 0.47
C ILE B 198 19.82 31.00 1.04
N TYR B 199 19.57 30.79 2.33
CA TYR B 199 18.41 31.40 2.97
C TYR B 199 18.44 32.91 2.85
N LYS B 200 19.64 33.51 2.94
CA LYS B 200 19.76 34.95 2.81
C LYS B 200 19.47 35.40 1.38
N GLU B 201 20.01 34.68 0.39
CA GLU B 201 19.82 35.04 -1.01
C GLU B 201 18.42 34.74 -1.51
N THR B 202 17.61 33.99 -0.76
CA THR B 202 16.26 33.65 -1.18
C THR B 202 15.29 34.81 -1.04
N GLU B 203 15.68 35.89 -0.37
CA GLU B 203 14.81 37.04 -0.18
C GLU B 203 15.16 38.22 -1.08
N LYS B 204 16.33 38.18 -1.74
CA LYS B 204 16.78 39.27 -2.59
C LYS B 204 16.49 38.97 -4.05
N MET B 205 16.44 40.04 -4.85
CA MET B 205 16.06 39.96 -6.26
C MET B 205 16.37 41.29 -6.92
N ASN B 206 16.45 41.26 -8.24
CA ASN B 206 16.68 42.47 -9.03
C ASN B 206 15.96 42.33 -10.37
N ILE B 207 16.12 43.33 -11.23
CA ILE B 207 15.39 43.36 -12.49
C ILE B 207 15.92 42.29 -13.44
N PHE B 208 17.24 42.07 -13.43
CA PHE B 208 17.83 41.09 -14.35
C PHE B 208 17.27 39.70 -14.10
N GLU B 209 17.36 39.23 -12.85
CA GLU B 209 16.77 37.93 -12.53
C GLU B 209 15.26 37.93 -12.77
N MET B 210 14.61 39.08 -12.60
CA MET B 210 13.17 39.17 -12.85
C MET B 210 12.85 38.94 -14.32
N LEU B 211 13.56 39.63 -15.21
CA LEU B 211 13.33 39.47 -16.64
C LEU B 211 13.71 38.06 -17.10
N ARG B 212 14.81 37.50 -16.57
CA ARG B 212 15.18 36.14 -16.94
C ARG B 212 14.07 35.16 -16.61
N ILE B 213 13.37 35.36 -15.50
CA ILE B 213 12.27 34.47 -15.13
C ILE B 213 11.11 34.63 -16.10
N ASP B 214 10.82 35.87 -16.51
CA ASP B 214 9.70 36.11 -17.42
C ASP B 214 10.06 35.88 -18.88
N GLU B 215 11.33 35.99 -19.24
CA GLU B 215 11.77 35.75 -20.62
C GLU B 215 12.22 34.30 -20.81
N GLY B 216 11.36 33.36 -20.42
CA GLY B 216 11.63 31.94 -20.59
C GLY B 216 12.27 31.26 -19.39
N GLY B 217 13.21 31.94 -18.72
CA GLY B 217 13.87 31.38 -17.56
C GLY B 217 14.93 30.36 -17.90
N GLY B 218 15.88 30.76 -18.75
CA GLY B 218 16.92 29.87 -19.21
C GLY B 218 18.31 30.31 -18.76
N SER B 219 19.30 29.56 -19.22
CA SER B 219 20.70 29.80 -18.91
C SER B 219 21.46 30.15 -20.18
N GLY B 220 22.56 30.87 -20.00
CA GLY B 220 23.39 31.29 -21.12
C GLY B 220 24.83 31.47 -20.70
N GLY B 221 25.70 31.55 -21.70
CA GLY B 221 27.11 31.78 -21.47
C GLY B 221 27.39 33.22 -21.10
N ASP B 222 28.66 33.60 -21.26
CA ASP B 222 29.06 34.98 -20.98
C ASP B 222 28.64 35.93 -22.10
N GLU B 223 28.73 35.50 -23.36
CA GLU B 223 28.28 36.34 -24.46
C GLU B 223 26.78 36.59 -24.37
N ALA B 224 26.01 35.60 -23.91
CA ALA B 224 24.58 35.81 -23.72
C ALA B 224 24.31 36.80 -22.61
N GLU B 225 25.09 36.75 -21.53
CA GLU B 225 24.88 37.67 -20.42
C GLU B 225 25.11 39.11 -20.85
N LYS B 226 26.19 39.37 -21.61
CA LYS B 226 26.45 40.72 -22.08
C LYS B 226 25.32 41.23 -22.96
N LEU B 227 24.78 40.37 -23.82
CA LEU B 227 23.65 40.78 -24.66
C LEU B 227 22.40 41.02 -23.81
N PHE B 228 22.14 40.13 -22.84
CA PHE B 228 20.98 40.31 -21.98
C PHE B 228 21.04 41.65 -21.24
N ASN B 229 22.15 41.91 -20.56
CA ASN B 229 22.30 43.18 -19.87
C ASN B 229 22.20 44.36 -20.84
N GLN B 230 22.74 44.20 -22.04
CA GLN B 230 22.70 45.27 -23.02
C GLN B 230 21.26 45.62 -23.41
N ASP B 231 20.36 44.63 -23.38
CA ASP B 231 18.97 44.89 -23.72
C ASP B 231 18.20 45.48 -22.55
N VAL B 232 18.45 44.97 -21.34
CA VAL B 232 17.80 45.53 -20.16
C VAL B 232 18.15 47.02 -20.02
N ASP B 233 19.45 47.34 -20.04
CA ASP B 233 19.86 48.74 -20.04
C ASP B 233 19.28 49.49 -21.23
N ALA B 234 19.06 48.80 -22.35
CA ALA B 234 18.49 49.46 -23.53
C ALA B 234 17.05 49.88 -23.27
N ALA B 235 16.24 48.98 -22.72
CA ALA B 235 14.86 49.33 -22.40
C ALA B 235 14.80 50.44 -21.37
N VAL B 236 15.74 50.46 -20.42
CA VAL B 236 15.76 51.51 -19.41
C VAL B 236 15.97 52.87 -20.05
N ARG B 237 17.01 52.98 -20.90
CA ARG B 237 17.24 54.23 -21.60
C ARG B 237 16.06 54.60 -22.49
N GLY B 238 15.31 53.61 -22.98
CA GLY B 238 14.12 53.90 -23.74
C GLY B 238 13.01 54.51 -22.90
N ILE B 239 13.01 54.23 -21.60
CA ILE B 239 12.01 54.82 -20.73
C ILE B 239 12.35 56.26 -20.40
N LEU B 240 13.65 56.61 -20.36
CA LEU B 240 14.05 57.98 -20.05
C LEU B 240 13.82 58.92 -21.22
N ARG B 241 13.83 58.40 -22.46
CA ARG B 241 13.51 59.25 -23.60
C ARG B 241 12.03 59.60 -23.63
N ASN B 242 11.16 58.63 -23.38
CA ASN B 242 9.73 58.83 -23.54
C ASN B 242 9.22 59.92 -22.60
N ALA B 243 8.28 60.71 -23.09
CA ALA B 243 7.70 61.78 -22.28
C ALA B 243 6.62 61.25 -21.34
N LYS B 244 5.82 60.28 -21.80
CA LYS B 244 4.77 59.74 -20.95
C LYS B 244 5.32 58.78 -19.90
N LEU B 245 6.46 58.14 -20.16
CA LEU B 245 6.96 57.10 -19.28
C LEU B 245 7.90 57.62 -18.21
N LYS B 246 8.84 58.49 -18.57
CA LYS B 246 9.78 59.02 -17.59
C LYS B 246 9.10 59.58 -16.34
N PRO B 247 7.97 60.27 -16.43
CA PRO B 247 7.29 60.71 -15.19
C PRO B 247 6.95 59.56 -14.26
N VAL B 248 6.29 58.51 -14.78
CA VAL B 248 5.88 57.40 -13.92
C VAL B 248 7.11 56.66 -13.39
N TYR B 249 8.13 56.47 -14.24
CA TYR B 249 9.32 55.76 -13.80
C TYR B 249 10.03 56.51 -12.67
N ASP B 250 10.03 57.84 -12.74
CA ASP B 250 10.66 58.62 -11.67
C ASP B 250 9.82 58.63 -10.41
N SER B 251 8.51 58.46 -10.54
CA SER B 251 7.63 58.46 -9.37
C SER B 251 7.63 57.12 -8.63
N LEU B 252 8.05 56.05 -9.28
CA LEU B 252 8.03 54.73 -8.68
C LEU B 252 9.32 54.45 -7.93
N ASP B 253 9.28 53.42 -7.08
CA ASP B 253 10.44 52.99 -6.33
C ASP B 253 11.18 51.88 -7.08
N ALA B 254 12.27 51.40 -6.48
CA ALA B 254 13.14 50.42 -7.15
C ALA B 254 12.34 49.22 -7.63
N VAL B 255 11.60 48.56 -6.72
CA VAL B 255 10.90 47.34 -7.08
C VAL B 255 9.88 47.59 -8.17
N ARG B 256 9.10 48.68 -8.05
CA ARG B 256 8.09 48.96 -9.06
C ARG B 256 8.70 49.51 -10.35
N ARG B 257 9.86 50.17 -10.26
CA ARG B 257 10.59 50.53 -11.48
C ARG B 257 10.86 49.29 -12.32
N ALA B 258 11.29 48.21 -11.69
CA ALA B 258 11.54 46.97 -12.43
C ALA B 258 10.28 46.52 -13.17
N ALA B 259 9.15 46.47 -12.46
CA ALA B 259 7.89 46.10 -13.10
C ALA B 259 7.64 46.94 -14.34
N LEU B 260 7.98 48.24 -14.28
CA LEU B 260 7.79 49.09 -15.44
C LEU B 260 8.81 48.78 -16.53
N ILE B 261 10.06 48.57 -16.15
CA ILE B 261 11.07 48.15 -17.12
C ILE B 261 10.68 46.81 -17.74
N ASN B 262 10.04 45.94 -16.95
CA ASN B 262 9.62 44.64 -17.46
C ASN B 262 8.58 44.81 -18.56
N MET B 263 7.55 45.64 -18.32
CA MET B 263 6.52 45.88 -19.33
C MET B 263 7.13 46.48 -20.59
N VAL B 264 7.99 47.49 -20.42
CA VAL B 264 8.63 48.11 -21.58
C VAL B 264 9.50 47.10 -22.31
N PHE B 265 10.20 46.25 -21.56
CA PHE B 265 11.06 45.25 -22.19
C PHE B 265 10.25 44.35 -23.13
N GLN B 266 9.02 44.02 -22.76
CA GLN B 266 8.19 43.12 -23.55
C GLN B 266 7.43 43.84 -24.66
N MET B 267 6.76 44.95 -24.31
CA MET B 267 5.88 45.64 -25.24
C MET B 267 6.50 46.90 -25.83
N GLY B 268 7.76 47.19 -25.52
CA GLY B 268 8.41 48.37 -26.05
C GLY B 268 7.92 49.67 -25.43
N GLU B 269 8.70 50.74 -25.56
CA GLU B 269 8.34 52.01 -24.96
C GLU B 269 7.00 52.51 -25.47
N THR B 270 6.80 52.51 -26.80
CA THR B 270 5.53 52.96 -27.35
C THR B 270 4.37 52.08 -26.91
N GLY B 271 4.63 50.80 -26.67
CA GLY B 271 3.56 49.92 -26.22
C GLY B 271 3.10 50.26 -24.82
N VAL B 272 4.03 50.37 -23.88
CA VAL B 272 3.67 50.70 -22.51
C VAL B 272 3.04 52.08 -22.45
N ALA B 273 3.59 53.04 -23.21
CA ALA B 273 3.05 54.39 -23.22
C ALA B 273 1.61 54.45 -23.71
N GLY B 274 1.07 53.34 -24.23
CA GLY B 274 -0.34 53.32 -24.60
C GLY B 274 -1.27 53.26 -23.42
N PHE B 275 -0.81 52.68 -22.31
CA PHE B 275 -1.61 52.62 -21.08
C PHE B 275 -1.64 54.00 -20.43
N THR B 276 -2.56 54.85 -20.87
CA THR B 276 -2.57 56.23 -20.38
C THR B 276 -3.14 56.31 -18.97
N ASN B 277 -4.33 55.74 -18.75
CA ASN B 277 -4.96 55.84 -17.44
C ASN B 277 -4.23 55.00 -16.39
N SER B 278 -3.75 53.81 -16.78
CA SER B 278 -2.98 53.00 -15.85
C SER B 278 -1.65 53.66 -15.52
N LEU B 279 -0.97 54.23 -16.51
CA LEU B 279 0.24 54.99 -16.24
C LEU B 279 -0.03 56.15 -15.29
N ARG B 280 -1.15 56.83 -15.47
CA ARG B 280 -1.51 57.93 -14.58
C ARG B 280 -1.71 57.43 -13.16
N MET B 281 -2.53 56.39 -12.99
CA MET B 281 -2.78 55.84 -11.66
C MET B 281 -1.48 55.42 -10.99
N LEU B 282 -0.62 54.69 -11.71
CA LEU B 282 0.66 54.30 -11.14
C LEU B 282 1.44 55.52 -10.67
N GLN B 283 1.35 56.63 -11.41
CA GLN B 283 2.01 57.85 -11.00
C GLN B 283 1.36 58.44 -9.76
N GLN B 284 0.06 58.20 -9.58
CA GLN B 284 -0.66 58.63 -8.39
C GLN B 284 -0.63 57.61 -7.26
N LYS B 285 0.08 56.49 -7.45
CA LYS B 285 0.24 55.48 -6.41
C LYS B 285 -1.11 54.85 -6.02
N ARG B 286 -2.03 54.78 -6.97
CA ARG B 286 -3.32 54.13 -6.76
C ARG B 286 -3.24 52.68 -7.27
N TRP B 287 -2.48 51.87 -6.52
CA TRP B 287 -2.09 50.55 -7.01
C TRP B 287 -3.31 49.70 -7.37
N ASP B 288 -4.18 49.45 -6.39
CA ASP B 288 -5.30 48.54 -6.61
C ASP B 288 -6.10 48.95 -7.84
N GLU B 289 -6.29 50.25 -8.06
CA GLU B 289 -7.03 50.69 -9.24
C GLU B 289 -6.25 50.46 -10.51
N ALA B 290 -4.94 50.78 -10.51
CA ALA B 290 -4.13 50.51 -11.68
C ALA B 290 -4.11 49.02 -12.00
N ALA B 291 -4.13 48.18 -10.97
CA ALA B 291 -4.10 46.73 -11.20
C ALA B 291 -5.36 46.26 -11.92
N VAL B 292 -6.53 46.75 -11.50
CA VAL B 292 -7.77 46.38 -12.18
C VAL B 292 -7.80 46.95 -13.60
N ASN B 293 -7.09 48.06 -13.83
CA ASN B 293 -7.06 48.65 -15.16
C ASN B 293 -6.09 47.90 -16.08
N LEU B 294 -4.97 47.42 -15.54
CA LEU B 294 -4.02 46.65 -16.34
C LEU B 294 -4.58 45.27 -16.67
N ALA B 295 -5.34 44.67 -15.77
CA ALA B 295 -5.96 43.38 -16.07
C ALA B 295 -6.96 43.50 -17.22
N LYS B 296 -7.56 44.67 -17.41
CA LYS B 296 -8.51 44.89 -18.51
C LYS B 296 -7.79 45.43 -19.75
N SER B 297 -6.87 44.61 -20.25
CA SER B 297 -6.11 44.96 -21.45
C SER B 297 -5.68 43.68 -22.14
N ARG B 298 -5.39 43.80 -23.45
CA ARG B 298 -4.95 42.64 -24.21
C ARG B 298 -3.69 42.04 -23.62
N TRP B 299 -2.76 42.89 -23.15
CA TRP B 299 -1.51 42.41 -22.59
C TRP B 299 -1.75 41.36 -21.50
N TYR B 300 -2.80 41.54 -20.71
CA TYR B 300 -3.10 40.59 -19.65
C TYR B 300 -3.75 39.31 -20.18
N ASN B 301 -4.37 39.35 -21.35
CA ASN B 301 -5.04 38.19 -21.91
C ASN B 301 -4.10 37.33 -22.76
N GLN B 302 -3.16 37.95 -23.48
CA GLN B 302 -2.19 37.19 -24.25
C GLN B 302 -1.20 36.48 -23.33
N THR B 303 -0.54 37.23 -22.46
CA THR B 303 0.43 36.67 -21.52
C THR B 303 -0.11 36.79 -20.10
N PRO B 304 -1.10 35.99 -19.73
CA PRO B 304 -1.69 36.13 -18.39
C PRO B 304 -0.71 35.84 -17.26
N ASN B 305 -0.03 34.70 -17.31
CA ASN B 305 0.90 34.35 -16.24
C ASN B 305 1.93 35.45 -16.01
N ARG B 306 2.48 36.01 -17.09
CA ARG B 306 3.49 37.05 -16.94
C ARG B 306 2.87 38.34 -16.41
N ALA B 307 1.65 38.65 -16.83
CA ALA B 307 1.01 39.89 -16.39
C ALA B 307 0.72 39.85 -14.90
N LYS B 308 0.11 38.76 -14.41
CA LYS B 308 -0.27 38.70 -13.00
C LYS B 308 0.94 38.94 -12.10
N ARG B 309 2.11 38.41 -12.47
CA ARG B 309 3.31 38.66 -11.68
C ARG B 309 3.67 40.14 -11.69
N VAL B 310 3.62 40.77 -12.86
CA VAL B 310 3.99 42.18 -12.95
C VAL B 310 2.97 43.05 -12.24
N ILE B 311 1.68 42.72 -12.36
CA ILE B 311 0.65 43.47 -11.65
C ILE B 311 0.83 43.31 -10.15
N THR B 312 1.13 42.09 -9.69
CA THR B 312 1.37 41.86 -8.27
C THR B 312 2.55 42.69 -7.78
N THR B 313 3.64 42.75 -8.56
CA THR B 313 4.78 43.57 -8.18
C THR B 313 4.38 45.04 -8.08
N PHE B 314 3.66 45.54 -9.08
CA PHE B 314 3.13 46.90 -9.01
C PHE B 314 2.25 47.08 -7.77
N ARG B 315 1.40 46.09 -7.50
CA ARG B 315 0.43 46.21 -6.41
C ARG B 315 1.10 46.12 -5.05
N THR B 316 1.94 45.11 -4.84
CA THR B 316 2.56 44.89 -3.54
C THR B 316 3.92 45.57 -3.39
N GLY B 317 4.54 46.01 -4.48
CA GLY B 317 5.84 46.64 -4.38
C GLY B 317 6.91 45.74 -3.79
N THR B 318 6.76 44.42 -3.93
CA THR B 318 7.73 43.48 -3.41
C THR B 318 7.98 42.39 -4.44
N TRP B 319 9.09 41.67 -4.27
CA TRP B 319 9.47 40.59 -5.18
C TRP B 319 8.79 39.28 -4.86
N ASP B 320 7.80 39.27 -3.97
CA ASP B 320 7.19 38.03 -3.51
C ASP B 320 6.62 37.18 -4.64
N ALA B 321 6.44 37.74 -5.84
CA ALA B 321 5.92 36.96 -6.95
C ALA B 321 7.00 36.12 -7.62
N TYR B 322 8.25 36.60 -7.61
CA TYR B 322 9.36 35.92 -8.26
C TYR B 322 10.22 35.14 -7.27
N LEU B 323 9.75 34.96 -6.03
CA LEU B 323 10.51 34.24 -5.02
C LEU B 323 9.81 32.98 -4.55
N ILE B 324 8.66 32.64 -5.14
CA ILE B 324 7.91 31.46 -4.68
C ILE B 324 8.70 30.18 -4.90
N LYS B 325 9.52 30.12 -5.95
CA LYS B 325 10.26 28.91 -6.26
C LYS B 325 11.54 28.79 -5.43
N GLU B 326 12.27 29.88 -5.27
CA GLU B 326 13.53 29.82 -4.53
C GLU B 326 13.29 29.43 -3.07
N LYS B 327 12.23 29.94 -2.45
CA LYS B 327 11.95 29.63 -1.06
C LYS B 327 11.55 28.17 -0.86
N LYS B 328 10.91 27.57 -1.87
CA LYS B 328 10.48 26.19 -1.74
C LYS B 328 11.67 25.24 -1.73
N ALA B 329 12.59 25.42 -2.67
CA ALA B 329 13.78 24.56 -2.73
C ALA B 329 14.62 24.67 -1.46
N ALA B 330 14.62 25.85 -0.83
CA ALA B 330 15.36 26.02 0.42
C ALA B 330 14.78 25.16 1.53
N GLN B 331 13.45 25.13 1.65
CA GLN B 331 12.82 24.27 2.66
C GLN B 331 13.15 22.80 2.44
N THR B 332 13.26 22.38 1.18
CA THR B 332 13.68 21.02 0.88
C THR B 332 15.12 20.79 1.34
N LEU B 333 16.02 21.73 1.04
CA LEU B 333 17.40 21.62 1.48
C LEU B 333 17.48 21.59 3.00
N SER B 334 16.65 22.39 3.68
CA SER B 334 16.66 22.40 5.13
C SER B 334 16.35 21.02 5.69
N ALA B 335 15.28 20.39 5.19
CA ALA B 335 14.91 19.06 5.68
C ALA B 335 16.05 18.06 5.47
N ILE B 336 16.69 18.11 4.30
CA ILE B 336 17.83 17.22 4.03
C ILE B 336 18.91 17.42 5.07
N LEU B 337 19.43 18.65 5.17
CA LEU B 337 20.50 18.92 6.13
C LEU B 337 20.07 18.60 7.56
N LEU B 338 18.83 18.97 7.92
CA LEU B 338 18.37 18.74 9.28
C LEU B 338 18.41 17.25 9.63
N ALA B 339 17.94 16.40 8.73
CA ALA B 339 18.00 14.96 8.97
C ALA B 339 19.43 14.50 9.17
N PHE B 340 20.36 15.04 8.38
CA PHE B 340 21.77 14.66 8.50
C PHE B 340 22.34 15.10 9.84
N ILE B 341 22.07 16.34 10.24
CA ILE B 341 22.59 16.85 11.51
C ILE B 341 22.10 16.00 12.67
N ILE B 342 20.78 15.81 12.77
CA ILE B 342 20.19 15.20 13.95
C ILE B 342 20.68 13.77 14.13
N THR B 343 20.58 12.96 13.07
CA THR B 343 20.85 11.53 13.20
C THR B 343 22.33 11.23 13.42
N TRP B 344 23.23 12.07 12.87
CA TRP B 344 24.65 11.80 12.95
C TRP B 344 25.36 12.51 14.09
N THR B 345 24.81 13.61 14.59
CA THR B 345 25.49 14.36 15.64
C THR B 345 25.79 13.53 16.88
N PRO B 346 24.89 12.66 17.37
CA PRO B 346 25.20 11.91 18.59
C PRO B 346 26.51 11.13 18.51
N TYR B 347 26.72 10.35 17.45
CA TYR B 347 27.92 9.54 17.35
C TYR B 347 29.17 10.41 17.39
N ASN B 348 29.17 11.51 16.65
CA ASN B 348 30.36 12.37 16.59
C ASN B 348 30.61 13.07 17.92
N ILE B 349 29.55 13.34 18.69
CA ILE B 349 29.74 13.90 20.03
C ILE B 349 30.47 12.90 20.92
N MET B 350 30.24 11.59 20.71
CA MET B 350 30.92 10.59 21.51
C MET B 350 32.39 10.50 21.15
N VAL B 351 32.73 10.63 19.87
CA VAL B 351 34.13 10.67 19.48
C VAL B 351 34.84 11.83 20.16
N LEU B 352 34.19 12.99 20.20
CA LEU B 352 34.77 14.14 20.90
C LEU B 352 34.97 13.82 22.39
N VAL B 353 33.92 13.31 23.04
CA VAL B 353 34.03 12.96 24.45
C VAL B 353 35.10 11.89 24.65
N ASN B 354 35.00 10.79 23.91
CA ASN B 354 35.95 9.69 24.03
C ASN B 354 37.39 10.13 23.79
N THR B 355 37.59 11.24 23.05
CA THR B 355 38.94 11.74 22.83
C THR B 355 39.56 12.29 24.10
N PHE B 356 38.75 12.71 25.08
CA PHE B 356 39.24 13.31 26.31
C PHE B 356 38.86 12.51 27.55
N CYS B 357 38.25 11.35 27.39
CA CYS B 357 37.93 10.48 28.52
C CYS B 357 38.26 9.04 28.15
N ASP B 358 38.94 8.34 29.05
CA ASP B 358 39.30 6.95 28.81
C ASP B 358 38.04 6.10 28.59
N SER B 359 37.17 6.04 29.60
CA SER B 359 35.96 5.21 29.54
C SER B 359 34.78 6.03 30.07
N CYS B 360 34.07 6.68 29.15
CA CYS B 360 32.85 7.40 29.47
C CYS B 360 31.66 6.98 28.62
N ILE B 361 31.88 6.22 27.56
CA ILE B 361 30.83 5.83 26.63
C ILE B 361 30.69 4.31 26.68
N PRO B 362 29.64 3.80 27.32
CA PRO B 362 29.36 2.36 27.25
C PRO B 362 29.08 1.95 25.82
N LYS B 363 29.45 0.71 25.48
CA LYS B 363 29.25 0.25 24.11
C LYS B 363 27.80 0.39 23.68
N THR B 364 26.87 0.22 24.63
CA THR B 364 25.46 0.46 24.31
C THR B 364 25.27 1.82 23.66
N TYR B 365 25.91 2.85 24.22
CA TYR B 365 25.79 4.19 23.65
C TYR B 365 26.48 4.29 22.30
N TRP B 366 27.61 3.60 22.14
CA TRP B 366 28.30 3.62 20.86
C TRP B 366 27.48 2.89 19.79
N ASN B 367 26.87 1.77 20.16
CA ASN B 367 26.10 1.00 19.17
C ASN B 367 24.83 1.73 18.76
N LEU B 368 24.13 2.36 19.72
CA LEU B 368 22.94 3.13 19.38
C LEU B 368 23.32 4.32 18.50
N GLY B 369 24.23 5.17 18.98
CA GLY B 369 24.69 6.29 18.17
C GLY B 369 25.12 5.86 16.78
N TYR B 370 25.68 4.66 16.66
CA TYR B 370 26.05 4.13 15.34
C TYR B 370 24.83 3.86 14.50
N TRP B 371 23.80 3.22 15.08
CA TRP B 371 22.60 2.90 14.32
C TRP B 371 21.83 4.16 13.94
N LEU B 372 21.86 5.20 14.79
CA LEU B 372 21.12 6.41 14.49
C LEU B 372 21.58 7.01 13.16
N CYS B 373 22.87 6.89 12.84
CA CYS B 373 23.35 7.33 11.54
C CYS B 373 22.70 6.52 10.42
N TYR B 374 22.57 5.21 10.62
CA TYR B 374 21.84 4.38 9.66
C TYR B 374 20.43 4.91 9.43
N ILE B 375 19.74 5.27 10.52
CA ILE B 375 18.36 5.76 10.39
C ILE B 375 18.31 7.00 9.51
N ASN B 376 19.39 7.77 9.45
CA ASN B 376 19.43 8.94 8.58
C ASN B 376 19.13 8.56 7.15
N SER B 377 19.87 7.60 6.60
CA SER B 377 19.60 7.13 5.25
C SER B 377 18.18 6.59 5.12
N THR B 378 17.62 6.07 6.21
CA THR B 378 16.24 5.58 6.17
C THR B 378 15.26 6.73 6.01
N VAL B 379 15.52 7.87 6.66
CA VAL B 379 14.56 8.96 6.67
C VAL B 379 14.60 9.77 5.37
N ASN B 380 15.73 9.77 4.67
CA ASN B 380 15.89 10.66 3.51
C ASN B 380 14.72 10.59 2.53
N PRO B 381 14.33 9.43 2.01
CA PRO B 381 13.21 9.40 1.05
C PRO B 381 11.93 10.02 1.60
N VAL B 382 11.67 9.87 2.90
CA VAL B 382 10.48 10.48 3.49
C VAL B 382 10.53 11.99 3.35
N CYS B 383 11.72 12.58 3.52
CA CYS B 383 11.86 14.02 3.34
C CYS B 383 11.48 14.45 1.93
N TYR B 384 11.86 13.64 0.93
CA TYR B 384 11.52 13.96 -0.44
C TYR B 384 10.01 14.10 -0.62
N ALA B 385 9.25 13.08 -0.18
CA ALA B 385 7.80 13.13 -0.32
C ALA B 385 7.21 14.28 0.49
N LEU B 386 7.63 14.41 1.75
CA LEU B 386 7.03 15.42 2.62
C LEU B 386 7.21 16.82 2.08
N CYS B 387 8.37 17.11 1.47
CA CYS B 387 8.67 18.46 1.00
C CYS B 387 8.30 18.69 -0.46
N ASN B 388 8.46 17.67 -1.31
CA ASN B 388 8.27 17.83 -2.75
C ASN B 388 6.93 17.21 -3.16
N LYS B 389 6.06 18.03 -3.76
CA LYS B 389 4.76 17.55 -4.19
C LYS B 389 4.88 16.59 -5.37
N THR B 390 5.82 16.85 -6.28
CA THR B 390 5.98 15.99 -7.45
C THR B 390 6.41 14.58 -7.04
N PHE B 391 7.26 14.46 -6.02
CA PHE B 391 7.74 13.15 -5.59
C PHE B 391 6.60 12.31 -5.02
N ARG B 392 5.72 12.94 -4.23
CA ARG B 392 4.61 12.20 -3.62
C ARG B 392 3.77 11.50 -4.68
N THR B 393 3.32 12.25 -5.69
CA THR B 393 2.44 11.67 -6.71
C THR B 393 3.09 10.48 -7.39
N THR B 394 4.41 10.49 -7.56
CA THR B 394 5.08 9.34 -8.17
C THR B 394 5.22 8.19 -7.18
N PHE B 395 5.47 8.50 -5.91
CA PHE B 395 5.53 7.45 -4.89
C PHE B 395 4.20 6.73 -4.76
N LYS B 396 3.10 7.49 -4.74
CA LYS B 396 1.78 6.89 -4.60
C LYS B 396 1.45 6.03 -5.81
N THR B 397 1.62 6.57 -7.02
CA THR B 397 1.33 5.80 -8.22
C THR B 397 2.25 4.60 -8.36
N LEU B 398 3.49 4.70 -7.86
CA LEU B 398 4.41 3.58 -7.96
C LEU B 398 4.05 2.47 -6.99
N LEU B 399 3.45 2.82 -5.84
CA LEU B 399 3.06 1.79 -4.88
C LEU B 399 1.91 0.94 -5.41
N LEU B 400 0.97 1.55 -6.14
CA LEU B 400 -0.21 0.85 -6.64
C LEU B 400 -0.07 0.43 -8.09
N CYS B 401 0.15 1.38 -8.99
CA CYS B 401 0.22 1.09 -10.42
C CYS B 401 1.31 1.88 -11.12
#